data_8UEL
#
_entry.id   8UEL
#
_cell.length_a   79.613
_cell.length_b   86.571
_cell.length_c   155.881
_cell.angle_alpha   90.00
_cell.angle_beta   90.00
_cell.angle_gamma   90.00
#
_symmetry.space_group_name_H-M   'P 21 21 21'
#
loop_
_entity.id
_entity.type
_entity.pdbx_description
1 polymer Enolase
2 non-polymer PHOSPHOENOLPYRUVATE
3 non-polymer 'MAGNESIUM ION'
4 non-polymer 'SULFATE ION'
5 water water
#
_entity_poly.entity_id   1
_entity_poly.type   'polypeptide(L)'
_entity_poly.pdbx_seq_one_letter_code
;SITKVFARTIFDSRGNPTVEVDLYTHKGLFRAAVPSGASTGVHEALEMRDGDKSKYHGKSVFKAVNNVNSIIAPEIIKSG
LKVTQQKECDDFMRKLDGTENKSRLGANAILGVSLAICKAGAAELGIPLYRHIANLANYSDVILPVPAFNVINGGSHAGN
KLAMQEFMILPTGASSFTEAMRMGSEVYHHLKAVIKGRFGLDATAVGDEGGFAPNILNNKDALTLIQESIEKAGYTGKIE
IGMDVAASEFYKGENIYDLDFKTANNDGSQKITGDQLRDMYMEFCNEFPIVSIEDPFDQDDWENWTKMTSATNIQIVGDD
LTVTNPKRIATAVEKKACNCLLLKVNQIGSVTESIDAHLLAKKNGWGTMVSHRSGETEDCFIADLVVGLCTGQIKTGAPC
RSERLAKYNQILRIEEELGSNAKFAGKKFRKPC
;
_entity_poly.pdbx_strand_id   A,B
#
# COMPACT_ATOMS: atom_id res chain seq x y z
N SER A 1 26.15 -2.70 -22.42
CA SER A 1 24.92 -2.08 -21.90
C SER A 1 24.74 -2.14 -20.38
N ILE A 2 24.86 -3.32 -19.76
CA ILE A 2 24.58 -3.46 -18.33
C ILE A 2 25.84 -3.09 -17.57
N THR A 3 25.80 -2.00 -16.81
CA THR A 3 26.99 -1.56 -16.08
C THR A 3 26.94 -1.86 -14.60
N LYS A 4 25.76 -2.12 -14.03
CA LYS A 4 25.68 -2.31 -12.60
C LYS A 4 24.39 -3.05 -12.28
N VAL A 5 24.48 -4.09 -11.47
CA VAL A 5 23.31 -4.76 -10.94
C VAL A 5 23.50 -4.87 -9.44
N PHE A 6 22.46 -4.50 -8.68
CA PHE A 6 22.60 -4.41 -7.23
C PHE A 6 21.28 -4.72 -6.53
N ALA A 7 21.32 -5.66 -5.59
CA ALA A 7 20.14 -6.11 -4.88
C ALA A 7 20.16 -5.62 -3.44
N ARG A 8 18.98 -5.28 -2.93
CA ARG A 8 18.77 -4.93 -1.53
C ARG A 8 17.52 -5.66 -1.04
N THR A 9 17.34 -5.66 0.27
CA THR A 9 16.08 -6.12 0.83
C THR A 9 15.22 -4.90 1.12
N ILE A 10 13.94 -5.00 0.75
CA ILE A 10 12.91 -4.05 1.15
C ILE A 10 11.83 -4.84 1.90
N PHE A 11 10.76 -4.16 2.31
CA PHE A 11 9.65 -4.82 3.01
C PHE A 11 8.42 -4.81 2.09
N ASP A 12 7.73 -5.96 2.04
CA ASP A 12 6.59 -6.11 1.17
C ASP A 12 5.34 -5.64 1.92
N SER A 13 4.18 -5.76 1.27
CA SER A 13 2.96 -5.20 1.83
C SER A 13 2.58 -5.84 3.16
N ARG A 14 3.08 -7.03 3.46
CA ARG A 14 2.72 -7.74 4.68
C ARG A 14 3.78 -7.62 5.77
N GLY A 15 4.78 -6.76 5.58
CA GLY A 15 5.81 -6.57 6.58
C GLY A 15 6.96 -7.56 6.54
N ASN A 16 7.11 -8.28 5.42
CA ASN A 16 8.17 -9.27 5.28
C ASN A 16 9.23 -8.82 4.28
N PRO A 17 10.49 -9.18 4.51
CA PRO A 17 11.55 -8.85 3.53
C PRO A 17 11.29 -9.42 2.15
N THR A 18 11.72 -8.67 1.13
CA THR A 18 11.81 -9.18 -0.23
C THR A 18 12.92 -8.46 -0.99
N VAL A 19 13.19 -8.97 -2.17
CA VAL A 19 14.31 -8.53 -2.98
C VAL A 19 13.91 -7.36 -3.86
N GLU A 20 14.75 -6.33 -3.92
CA GLU A 20 14.66 -5.26 -4.90
C GLU A 20 15.98 -5.16 -5.66
N VAL A 21 15.91 -4.92 -6.97
CA VAL A 21 17.10 -4.87 -7.81
C VAL A 21 17.21 -3.51 -8.49
N ASP A 22 18.37 -2.89 -8.37
CA ASP A 22 18.73 -1.71 -9.14
C ASP A 22 19.64 -2.14 -10.27
N LEU A 23 19.36 -1.68 -11.49
CA LEU A 23 20.18 -2.03 -12.64
C LEU A 23 20.48 -0.76 -13.42
N TYR A 24 21.73 -0.59 -13.84
CA TYR A 24 22.18 0.61 -14.53
C TYR A 24 22.61 0.30 -15.94
N THR A 25 22.15 1.12 -16.88
CA THR A 25 22.69 1.25 -18.22
C THR A 25 23.20 2.67 -18.38
N HIS A 26 23.71 2.99 -19.57
CA HIS A 26 24.04 4.39 -19.84
C HIS A 26 22.81 5.29 -19.83
N LYS A 27 21.60 4.73 -19.72
CA LYS A 27 20.36 5.50 -19.70
C LYS A 27 19.81 5.70 -18.29
N GLY A 28 20.43 5.09 -17.27
CA GLY A 28 20.08 5.41 -15.91
C GLY A 28 19.81 4.17 -15.07
N LEU A 29 19.04 4.39 -13.99
CA LEU A 29 18.67 3.35 -13.05
C LEU A 29 17.29 2.79 -13.43
N PHE A 30 17.18 1.48 -13.39
CA PHE A 30 15.90 0.79 -13.57
C PHE A 30 15.74 -0.13 -12.37
N ARG A 31 14.63 0.04 -11.64
CA ARG A 31 14.39 -0.61 -10.37
C ARG A 31 13.15 -1.50 -10.44
N ALA A 32 13.26 -2.69 -9.84
CA ALA A 32 12.14 -3.62 -9.75
C ALA A 32 12.21 -4.42 -8.45
N ALA A 33 11.04 -4.69 -7.87
CA ALA A 33 10.91 -5.50 -6.67
C ALA A 33 10.05 -6.73 -6.95
N VAL A 34 10.25 -7.74 -6.12
CA VAL A 34 9.73 -9.09 -6.34
C VAL A 34 8.61 -9.33 -5.34
N PRO A 35 7.45 -9.82 -5.77
CA PRO A 35 6.37 -10.09 -4.81
C PRO A 35 6.57 -11.44 -4.13
N SER A 36 5.68 -11.72 -3.17
CA SER A 36 5.78 -12.96 -2.40
C SER A 36 5.69 -14.16 -3.33
N GLY A 37 6.11 -15.33 -2.83
CA GLY A 37 6.22 -16.53 -3.66
C GLY A 37 5.94 -17.85 -2.93
N ALA A 38 6.56 -18.92 -3.44
CA ALA A 38 6.33 -20.29 -3.01
C ALA A 38 7.37 -20.76 -2.00
N SER A 39 8.62 -20.95 -2.45
CA SER A 39 9.70 -21.44 -1.59
C SER A 39 9.57 -22.94 -1.40
N THR A 40 8.37 -23.39 -1.01
CA THR A 40 7.96 -24.80 -1.09
C THR A 40 6.87 -24.91 -2.16
N GLY A 41 7.11 -25.76 -3.14
CA GLY A 41 6.16 -25.95 -4.21
C GLY A 41 6.63 -27.06 -5.13
N VAL A 42 5.72 -27.97 -5.49
CA VAL A 42 6.15 -29.08 -6.33
C VAL A 42 6.47 -28.59 -7.74
N HIS A 43 5.76 -27.57 -8.21
CA HIS A 43 5.96 -27.11 -9.59
C HIS A 43 6.20 -25.61 -9.73
N GLU A 44 6.22 -24.84 -8.64
CA GLU A 44 6.54 -23.43 -8.71
C GLU A 44 8.06 -23.22 -8.76
N ALA A 45 8.45 -22.09 -9.32
CA ALA A 45 9.81 -21.60 -9.12
C ALA A 45 9.96 -21.19 -7.66
N LEU A 46 11.10 -21.49 -7.06
CA LEU A 46 11.23 -21.43 -5.61
C LEU A 46 11.87 -20.11 -5.19
N GLU A 47 11.17 -19.37 -4.35
CA GLU A 47 11.76 -18.20 -3.75
C GLU A 47 12.69 -18.67 -2.63
N MET A 48 13.88 -18.08 -2.57
CA MET A 48 14.88 -18.48 -1.58
C MET A 48 14.69 -17.67 -0.30
N ARG A 49 14.27 -18.34 0.76
CA ARG A 49 14.19 -17.75 2.08
C ARG A 49 15.37 -18.21 2.93
N ASP A 50 15.84 -17.32 3.82
CA ASP A 50 16.97 -17.65 4.67
C ASP A 50 16.63 -18.74 5.68
N GLY A 51 15.42 -18.71 6.22
CA GLY A 51 14.97 -19.76 7.11
C GLY A 51 15.47 -19.66 8.53
N ASP A 52 16.34 -18.71 8.82
CA ASP A 52 16.75 -18.45 10.20
C ASP A 52 15.55 -17.93 10.97
N LYS A 53 14.94 -18.79 11.78
CA LYS A 53 13.71 -18.42 12.45
C LYS A 53 13.90 -17.37 13.55
N SER A 54 15.14 -16.96 13.82
CA SER A 54 15.38 -15.88 14.77
C SER A 54 15.53 -14.52 14.11
N LYS A 55 15.77 -14.47 12.79
CA LYS A 55 15.75 -13.24 12.01
C LYS A 55 14.43 -13.20 11.23
N TYR A 56 13.60 -12.20 11.50
CA TYR A 56 12.41 -11.95 10.67
C TYR A 56 11.52 -13.18 10.58
N HIS A 57 11.57 -14.00 11.62
CA HIS A 57 10.87 -15.29 11.67
C HIS A 57 11.07 -16.08 10.37
N GLY A 58 12.32 -16.18 9.94
CA GLY A 58 12.69 -17.02 8.82
C GLY A 58 12.44 -16.45 7.43
N LYS A 59 11.95 -15.22 7.30
CA LYS A 59 11.52 -14.73 6.00
C LYS A 59 12.52 -13.77 5.34
N SER A 60 13.71 -13.60 5.92
CA SER A 60 14.61 -12.64 5.29
C SER A 60 15.22 -13.23 4.02
N VAL A 61 15.78 -12.36 3.18
CA VAL A 61 16.24 -12.79 1.86
C VAL A 61 17.69 -12.42 1.62
N PHE A 62 18.50 -12.44 2.67
CA PHE A 62 19.93 -12.13 2.50
C PHE A 62 20.59 -13.08 1.48
N LYS A 63 20.25 -14.37 1.52
CA LYS A 63 20.86 -15.30 0.56
C LYS A 63 20.51 -14.90 -0.87
N ALA A 64 19.25 -14.58 -1.13
CA ALA A 64 18.86 -14.22 -2.49
C ALA A 64 19.51 -12.92 -2.92
N VAL A 65 19.49 -11.90 -2.07
CA VAL A 65 20.21 -10.66 -2.36
C VAL A 65 21.68 -10.97 -2.68
N ASN A 66 22.30 -11.80 -1.83
CA ASN A 66 23.69 -12.19 -2.08
C ASN A 66 23.87 -12.97 -3.39
N ASN A 67 22.84 -13.68 -3.85
CA ASN A 67 23.00 -14.39 -5.11
C ASN A 67 23.01 -13.42 -6.27
N VAL A 68 22.21 -12.35 -6.20
CA VAL A 68 22.28 -11.32 -7.23
C VAL A 68 23.66 -10.68 -7.22
N ASN A 69 24.07 -10.19 -6.06
CA ASN A 69 25.22 -9.32 -5.98
C ASN A 69 26.51 -10.06 -6.26
N SER A 70 26.62 -11.30 -5.83
CA SER A 70 27.89 -12.00 -5.98
C SER A 70 27.92 -13.08 -7.07
N ILE A 71 26.77 -13.40 -7.68
CA ILE A 71 26.76 -14.41 -8.73
C ILE A 71 26.18 -13.83 -10.00
N ILE A 72 24.90 -13.45 -9.96
CA ILE A 72 24.22 -13.00 -11.17
C ILE A 72 24.90 -11.76 -11.74
N ALA A 73 25.07 -10.72 -10.89
CA ALA A 73 25.56 -9.42 -11.37
C ALA A 73 26.88 -9.56 -12.11
N PRO A 74 27.95 -10.07 -11.51
CA PRO A 74 29.20 -10.21 -12.27
C PRO A 74 29.07 -11.11 -13.48
N GLU A 75 28.24 -12.15 -13.44
CA GLU A 75 28.14 -13.06 -14.57
C GLU A 75 27.47 -12.38 -15.75
N ILE A 76 26.37 -11.69 -15.50
CA ILE A 76 25.62 -11.14 -16.63
C ILE A 76 26.22 -9.84 -17.11
N ILE A 77 26.93 -9.10 -16.26
CA ILE A 77 27.71 -7.99 -16.76
C ILE A 77 28.83 -8.51 -17.65
N LYS A 78 29.53 -9.57 -17.22
CA LYS A 78 30.63 -10.10 -18.02
C LYS A 78 30.14 -10.69 -19.33
N SER A 79 28.89 -11.14 -19.38
CA SER A 79 28.36 -11.77 -20.60
C SER A 79 28.31 -10.78 -21.77
N GLY A 80 28.22 -9.49 -21.50
CA GLY A 80 28.07 -8.54 -22.57
C GLY A 80 26.69 -8.48 -23.20
N LEU A 81 25.76 -9.34 -22.79
CA LEU A 81 24.39 -9.28 -23.28
C LEU A 81 23.77 -7.92 -23.00
N LYS A 82 22.98 -7.43 -23.96
CA LYS A 82 22.32 -6.13 -23.84
C LYS A 82 20.93 -6.26 -23.23
N VAL A 83 20.46 -5.18 -22.59
CA VAL A 83 19.15 -5.19 -21.93
C VAL A 83 18.01 -5.24 -22.92
N THR A 84 18.30 -5.08 -24.21
CA THR A 84 17.31 -5.31 -25.26
C THR A 84 17.27 -6.75 -25.76
N GLN A 85 18.10 -7.64 -25.18
CA GLN A 85 18.06 -9.06 -25.48
C GLN A 85 17.39 -9.83 -24.34
N GLN A 86 16.10 -9.59 -24.12
CA GLN A 86 15.44 -10.13 -22.93
C GLN A 86 15.62 -11.64 -22.84
N LYS A 87 15.33 -12.34 -23.95
CA LYS A 87 15.42 -13.79 -23.96
C LYS A 87 16.84 -14.27 -23.72
N GLU A 88 17.83 -13.63 -24.33
CA GLU A 88 19.21 -14.06 -24.11
C GLU A 88 19.59 -13.89 -22.64
N CYS A 89 19.19 -12.77 -22.01
CA CYS A 89 19.45 -12.57 -20.59
C CYS A 89 18.69 -13.56 -19.73
N ASP A 90 17.40 -13.76 -20.00
CA ASP A 90 16.65 -14.70 -19.19
C ASP A 90 17.21 -16.12 -19.33
N ASP A 91 17.53 -16.54 -20.57
CA ASP A 91 18.15 -17.85 -20.77
C ASP A 91 19.47 -17.96 -20.05
N PHE A 92 20.32 -16.94 -20.20
CA PHE A 92 21.62 -16.92 -19.55
C PHE A 92 21.48 -17.16 -18.05
N MET A 93 20.53 -16.45 -17.43
CA MET A 93 20.34 -16.58 -16.00
C MET A 93 19.82 -17.97 -15.61
N ARG A 94 18.84 -18.50 -16.35
CA ARG A 94 18.38 -19.85 -16.03
C ARG A 94 19.51 -20.86 -16.14
N LYS A 95 20.36 -20.71 -17.16
CA LYS A 95 21.49 -21.63 -17.31
C LYS A 95 22.48 -21.47 -16.16
N LEU A 96 22.79 -20.22 -15.79
CA LEU A 96 23.67 -19.97 -14.67
C LEU A 96 23.14 -20.62 -13.41
N ASP A 97 21.85 -20.43 -13.10
CA ASP A 97 21.29 -21.14 -11.97
C ASP A 97 21.31 -22.64 -12.21
N GLY A 98 20.76 -23.07 -13.35
CA GLY A 98 20.94 -24.42 -13.82
C GLY A 98 20.01 -25.46 -13.24
N THR A 99 18.90 -25.06 -12.61
CA THR A 99 17.94 -26.00 -12.06
C THR A 99 16.56 -25.70 -12.63
N GLU A 100 15.70 -26.72 -12.62
CA GLU A 100 14.36 -26.56 -13.18
C GLU A 100 13.62 -25.44 -12.47
N ASN A 101 13.60 -25.46 -11.14
CA ASN A 101 12.79 -24.55 -10.35
C ASN A 101 13.58 -23.35 -9.83
N LYS A 102 14.74 -23.05 -10.44
CA LYS A 102 15.53 -21.88 -10.07
C LYS A 102 15.93 -21.91 -8.60
N SER A 103 16.19 -23.10 -8.05
CA SER A 103 16.37 -23.21 -6.62
C SER A 103 17.82 -23.09 -6.18
N ARG A 104 18.77 -22.97 -7.10
CA ARG A 104 20.15 -22.71 -6.67
C ARG A 104 20.32 -21.25 -6.27
N LEU A 105 19.98 -20.32 -7.16
CA LEU A 105 20.08 -18.90 -6.86
C LEU A 105 18.80 -18.31 -6.30
N GLY A 106 17.66 -18.97 -6.51
CA GLY A 106 16.37 -18.49 -6.04
C GLY A 106 15.59 -17.79 -7.16
N ALA A 107 14.29 -18.01 -7.22
CA ALA A 107 13.51 -17.32 -8.24
C ALA A 107 13.41 -15.81 -7.94
N ASN A 108 13.36 -15.42 -6.66
CA ASN A 108 13.34 -14.00 -6.34
C ASN A 108 14.67 -13.32 -6.67
N ALA A 109 15.77 -14.07 -6.71
CA ALA A 109 17.04 -13.48 -7.15
C ALA A 109 17.02 -13.20 -8.65
N ILE A 110 16.48 -14.14 -9.44
CA ILE A 110 16.48 -13.99 -10.89
C ILE A 110 15.43 -13.00 -11.35
N LEU A 111 14.23 -13.06 -10.77
CA LEU A 111 13.14 -12.28 -11.34
C LEU A 111 13.43 -10.78 -11.20
N GLY A 112 13.92 -10.36 -10.04
CA GLY A 112 14.27 -8.96 -9.88
C GLY A 112 15.16 -8.44 -11.00
N VAL A 113 16.16 -9.23 -11.40
CA VAL A 113 17.06 -8.84 -12.48
C VAL A 113 16.35 -8.84 -13.81
N SER A 114 15.56 -9.90 -14.07
CA SER A 114 14.86 -10.01 -15.35
C SER A 114 13.91 -8.85 -15.54
N LEU A 115 13.22 -8.45 -14.47
CA LEU A 115 12.27 -7.35 -14.57
C LEU A 115 12.98 -6.03 -14.82
N ALA A 116 14.13 -5.80 -14.16
CA ALA A 116 14.86 -4.56 -14.35
C ALA A 116 15.47 -4.50 -15.75
N ILE A 117 16.03 -5.63 -16.21
CA ILE A 117 16.47 -5.73 -17.60
C ILE A 117 15.36 -5.27 -18.53
N CYS A 118 14.13 -5.68 -18.24
CA CYS A 118 13.02 -5.38 -19.14
C CYS A 118 12.67 -3.89 -19.11
N LYS A 119 12.66 -3.28 -17.92
CA LYS A 119 12.49 -1.84 -17.83
C LYS A 119 13.60 -1.11 -18.60
N ALA A 120 14.85 -1.53 -18.40
CA ALA A 120 15.96 -0.86 -19.07
C ALA A 120 15.88 -1.08 -20.58
N GLY A 121 15.47 -2.28 -21.00
CA GLY A 121 15.31 -2.53 -22.42
C GLY A 121 14.38 -1.53 -23.08
N ALA A 122 13.28 -1.18 -22.42
CA ALA A 122 12.35 -0.21 -23.01
C ALA A 122 12.98 1.17 -23.10
N ALA A 123 13.67 1.62 -22.03
CA ALA A 123 14.29 2.92 -22.08
C ALA A 123 15.36 2.97 -23.17
N GLU A 124 16.05 1.85 -23.39
CA GLU A 124 17.06 1.80 -24.43
C GLU A 124 16.46 2.05 -25.80
N LEU A 125 15.22 1.62 -26.02
CA LEU A 125 14.52 1.83 -27.27
C LEU A 125 13.57 3.01 -27.22
N GLY A 126 13.66 3.85 -26.20
CA GLY A 126 12.82 5.04 -26.16
C GLY A 126 11.32 4.78 -26.16
N ILE A 127 10.88 3.60 -25.74
CA ILE A 127 9.44 3.30 -25.67
C ILE A 127 8.98 3.03 -24.24
N PRO A 128 7.69 3.25 -23.95
CA PRO A 128 7.16 2.88 -22.62
C PRO A 128 7.22 1.38 -22.40
N LEU A 129 7.23 1.00 -21.12
CA LEU A 129 7.45 -0.40 -20.74
C LEU A 129 6.39 -1.31 -21.36
N TYR A 130 5.13 -0.87 -21.40
CA TYR A 130 4.07 -1.73 -21.93
C TYR A 130 4.19 -1.93 -23.44
N ARG A 131 4.65 -0.90 -24.17
CA ARG A 131 4.93 -1.04 -25.59
C ARG A 131 6.09 -2.01 -25.84
N HIS A 132 7.14 -1.92 -25.03
CA HIS A 132 8.24 -2.88 -25.18
C HIS A 132 7.73 -4.31 -24.94
N ILE A 133 6.96 -4.52 -23.86
CA ILE A 133 6.42 -5.85 -23.60
C ILE A 133 5.57 -6.30 -24.77
N ALA A 134 4.80 -5.38 -25.36
CA ALA A 134 3.95 -5.78 -26.48
C ALA A 134 4.79 -6.26 -27.65
N ASN A 135 5.87 -5.53 -27.98
CA ASN A 135 6.78 -5.97 -29.04
C ASN A 135 7.39 -7.34 -28.73
N LEU A 136 7.69 -7.62 -27.45
CA LEU A 136 8.26 -8.92 -27.12
C LEU A 136 7.26 -10.07 -27.26
N ALA A 137 5.96 -9.78 -27.13
CA ALA A 137 4.90 -10.74 -27.38
C ALA A 137 4.38 -10.67 -28.82
N ASN A 138 4.90 -9.72 -29.61
CA ASN A 138 4.52 -9.54 -31.00
C ASN A 138 3.08 -9.07 -31.15
N TYR A 139 2.63 -8.24 -30.21
CA TYR A 139 1.39 -7.51 -30.35
C TYR A 139 1.69 -6.15 -30.96
N SER A 140 0.93 -5.78 -31.98
CA SER A 140 1.06 -4.47 -32.56
C SER A 140 0.15 -3.46 -31.86
N ASP A 141 -0.84 -3.94 -31.11
CA ASP A 141 -1.74 -3.07 -30.38
C ASP A 141 -1.86 -3.57 -28.94
N VAL A 142 -2.10 -2.62 -28.04
CA VAL A 142 -2.27 -2.93 -26.64
C VAL A 142 -3.73 -2.67 -26.31
N ILE A 143 -4.12 -3.02 -25.09
CA ILE A 143 -5.50 -2.78 -24.64
C ILE A 143 -5.53 -2.65 -23.12
N LEU A 144 -6.40 -1.79 -22.64
CA LEU A 144 -6.51 -1.55 -21.21
C LEU A 144 -7.39 -2.63 -20.57
N PRO A 145 -6.97 -3.19 -19.45
CA PRO A 145 -7.65 -4.38 -18.91
C PRO A 145 -8.86 -4.03 -18.06
N VAL A 146 -9.84 -4.92 -18.07
CA VAL A 146 -10.89 -4.85 -17.04
C VAL A 146 -10.25 -5.18 -15.69
N PRO A 147 -10.41 -4.34 -14.68
CA PRO A 147 -9.88 -4.68 -13.34
C PRO A 147 -10.83 -5.60 -12.59
N ALA A 148 -10.26 -6.56 -11.86
CA ALA A 148 -11.01 -7.54 -11.08
C ALA A 148 -10.73 -7.32 -9.61
N PHE A 149 -11.64 -6.62 -8.93
CA PHE A 149 -11.39 -6.13 -7.58
C PHE A 149 -11.83 -7.17 -6.56
N ASN A 150 -10.89 -7.64 -5.76
CA ASN A 150 -11.23 -8.40 -4.56
C ASN A 150 -12.09 -7.53 -3.63
N VAL A 151 -13.19 -8.08 -3.12
CA VAL A 151 -14.08 -7.29 -2.25
C VAL A 151 -14.51 -8.04 -0.98
N ILE A 152 -14.84 -9.33 -1.13
CA ILE A 152 -15.29 -10.17 -0.02
C ILE A 152 -14.43 -11.42 0.03
N ASN A 153 -14.12 -11.87 1.24
CA ASN A 153 -13.12 -12.91 1.40
C ASN A 153 -13.61 -13.97 2.36
N GLY A 154 -13.24 -15.21 2.06
CA GLY A 154 -13.61 -16.37 2.83
C GLY A 154 -12.44 -17.33 2.83
N GLY A 155 -12.73 -18.61 2.86
CA GLY A 155 -11.64 -19.55 2.87
C GLY A 155 -10.75 -19.41 4.09
N SER A 156 -9.54 -19.97 3.96
CA SER A 156 -8.62 -20.07 5.09
C SER A 156 -8.11 -18.71 5.56
N HIS A 157 -8.47 -17.63 4.88
CA HIS A 157 -8.06 -16.29 5.24
C HIS A 157 -9.17 -15.49 5.92
N ALA A 158 -10.18 -16.15 6.44
CA ALA A 158 -11.27 -15.46 7.10
C ALA A 158 -11.81 -16.33 8.22
N GLY A 159 -12.29 -15.67 9.28
CA GLY A 159 -12.92 -16.35 10.39
C GLY A 159 -14.35 -16.78 10.15
N ASN A 160 -15.00 -16.29 9.10
CA ASN A 160 -16.36 -16.67 8.80
C ASN A 160 -16.40 -18.15 8.38
N LYS A 161 -17.60 -18.64 8.10
CA LYS A 161 -17.77 -20.03 7.70
C LYS A 161 -17.64 -20.24 6.20
N LEU A 162 -17.25 -19.21 5.45
CA LEU A 162 -17.20 -19.31 4.00
C LEU A 162 -15.98 -20.11 3.55
N ALA A 163 -16.23 -21.15 2.73
CA ALA A 163 -15.13 -21.98 2.23
C ALA A 163 -14.48 -21.38 0.99
N MET A 164 -15.22 -20.63 0.20
CA MET A 164 -14.67 -20.05 -1.02
C MET A 164 -13.86 -18.81 -0.69
N GLN A 165 -12.71 -18.68 -1.34
CA GLN A 165 -11.70 -17.74 -0.86
C GLN A 165 -12.07 -16.29 -1.15
N GLU A 166 -12.30 -15.93 -2.40
CA GLU A 166 -12.48 -14.52 -2.68
C GLU A 166 -13.55 -14.28 -3.73
N PHE A 167 -14.28 -13.19 -3.54
CA PHE A 167 -15.30 -12.74 -4.45
C PHE A 167 -14.86 -11.39 -5.01
N MET A 168 -14.96 -11.23 -6.33
CA MET A 168 -14.37 -10.10 -7.05
C MET A 168 -15.45 -9.45 -7.88
N ILE A 169 -15.36 -8.14 -8.08
CA ILE A 169 -16.24 -7.45 -9.02
C ILE A 169 -15.43 -7.05 -10.25
N LEU A 170 -16.06 -7.13 -11.41
CA LEU A 170 -15.43 -6.79 -12.69
C LEU A 170 -16.29 -5.79 -13.46
N PRO A 171 -15.87 -4.51 -13.57
CA PRO A 171 -16.65 -3.55 -14.36
C PRO A 171 -16.52 -3.77 -15.86
N THR A 172 -17.01 -4.92 -16.33
CA THR A 172 -16.96 -5.24 -17.75
C THR A 172 -17.78 -4.27 -18.58
N GLY A 173 -18.73 -3.59 -17.96
CA GLY A 173 -19.57 -2.66 -18.66
C GLY A 173 -19.14 -1.22 -18.56
N ALA A 174 -17.96 -0.94 -18.02
CA ALA A 174 -17.45 0.43 -18.12
C ALA A 174 -17.05 0.70 -19.57
N SER A 175 -16.97 2.00 -19.90
CA SER A 175 -16.56 2.44 -21.23
C SER A 175 -15.08 2.78 -21.31
N SER A 176 -14.38 2.78 -20.18
CA SER A 176 -12.98 3.13 -20.13
C SER A 176 -12.41 2.59 -18.83
N PHE A 177 -11.09 2.49 -18.76
CA PHE A 177 -10.50 2.13 -17.49
C PHE A 177 -10.84 3.16 -16.42
N THR A 178 -10.97 4.44 -16.82
CA THR A 178 -11.32 5.48 -15.85
C THR A 178 -12.68 5.22 -15.22
N GLU A 179 -13.69 4.99 -16.06
CA GLU A 179 -15.00 4.62 -15.52
C GLU A 179 -14.91 3.33 -14.69
N ALA A 180 -14.07 2.38 -15.12
CA ALA A 180 -13.96 1.14 -14.37
C ALA A 180 -13.44 1.39 -12.96
N MET A 181 -12.46 2.29 -12.81
CA MET A 181 -12.02 2.63 -11.46
C MET A 181 -13.12 3.31 -10.66
N ARG A 182 -13.84 4.24 -11.28
CA ARG A 182 -14.98 4.84 -10.58
C ARG A 182 -15.96 3.76 -10.14
N MET A 183 -16.30 2.84 -11.05
CA MET A 183 -17.28 1.80 -10.73
C MET A 183 -16.76 0.89 -9.62
N GLY A 184 -15.51 0.43 -9.75
CA GLY A 184 -14.92 -0.39 -8.70
C GLY A 184 -14.93 0.29 -7.35
N SER A 185 -14.53 1.57 -7.30
CA SER A 185 -14.36 2.23 -6.01
C SER A 185 -15.70 2.60 -5.37
N GLU A 186 -16.67 3.05 -6.16
CA GLU A 186 -17.93 3.42 -5.53
C GLU A 186 -18.64 2.20 -4.95
N VAL A 187 -18.57 1.06 -5.66
CA VAL A 187 -19.16 -0.17 -5.15
C VAL A 187 -18.46 -0.61 -3.86
N TYR A 188 -17.12 -0.60 -3.87
CA TYR A 188 -16.34 -0.84 -2.66
C TYR A 188 -16.83 0.02 -1.50
N HIS A 189 -16.94 1.33 -1.72
CA HIS A 189 -17.35 2.23 -0.64
C HIS A 189 -18.80 1.98 -0.24
N HIS A 190 -19.68 1.65 -1.19
CA HIS A 190 -21.04 1.26 -0.81
C HIS A 190 -21.02 -0.06 -0.06
N LEU A 191 -20.26 -1.04 -0.55
CA LEU A 191 -20.16 -2.29 0.20
C LEU A 191 -19.66 -2.02 1.62
N LYS A 192 -18.69 -1.11 1.77
CA LYS A 192 -18.12 -0.88 3.10
C LYS A 192 -19.18 -0.37 4.08
N ALA A 193 -20.08 0.49 3.59
CA ALA A 193 -21.10 1.06 4.47
C ALA A 193 -22.12 0.01 4.86
N VAL A 194 -22.62 -0.75 3.88
CA VAL A 194 -23.47 -1.89 4.19
C VAL A 194 -22.84 -2.76 5.27
N ILE A 195 -21.58 -3.14 5.07
CA ILE A 195 -20.93 -4.02 6.04
C ILE A 195 -20.89 -3.37 7.41
N LYS A 196 -20.77 -2.04 7.46
CA LYS A 196 -20.60 -1.36 8.75
C LYS A 196 -21.86 -1.48 9.61
N GLY A 197 -23.04 -1.34 9.00
CA GLY A 197 -24.30 -1.48 9.69
C GLY A 197 -24.81 -2.91 9.89
N ARG A 198 -24.43 -3.84 9.00
CA ARG A 198 -24.89 -5.21 9.19
C ARG A 198 -23.99 -6.00 10.11
N PHE A 199 -22.68 -5.78 10.05
CA PHE A 199 -21.77 -6.60 10.82
C PHE A 199 -21.00 -5.82 11.87
N GLY A 200 -21.03 -4.50 11.81
CA GLY A 200 -20.30 -3.67 12.77
C GLY A 200 -19.01 -3.14 12.18
N LEU A 201 -18.42 -2.20 12.92
CA LEU A 201 -17.28 -1.45 12.39
C LEU A 201 -16.05 -2.35 12.20
N ASP A 202 -15.81 -3.29 13.12
CA ASP A 202 -14.61 -4.12 13.01
C ASP A 202 -14.60 -4.98 11.75
N ALA A 203 -15.78 -5.30 11.21
CA ALA A 203 -15.91 -5.99 9.94
C ALA A 203 -15.41 -5.16 8.77
N THR A 204 -15.12 -3.89 9.02
CA THR A 204 -14.66 -2.94 8.01
C THR A 204 -13.16 -3.02 7.78
N ALA A 205 -12.40 -3.59 8.71
CA ALA A 205 -10.98 -3.77 8.51
C ALA A 205 -10.73 -4.76 7.36
N VAL A 206 -9.57 -4.62 6.75
CA VAL A 206 -9.29 -5.24 5.46
C VAL A 206 -8.22 -6.30 5.64
N GLY A 207 -8.22 -7.26 4.71
CA GLY A 207 -7.19 -8.27 4.62
C GLY A 207 -6.02 -7.82 3.77
N ASP A 208 -5.27 -8.82 3.30
CA ASP A 208 -4.02 -8.56 2.61
C ASP A 208 -4.22 -7.79 1.31
N GLU A 209 -5.37 -7.98 0.65
CA GLU A 209 -5.64 -7.44 -0.67
C GLU A 209 -6.56 -6.23 -0.61
N GLY A 210 -6.93 -5.78 0.59
CA GLY A 210 -7.73 -4.60 0.77
C GLY A 210 -9.22 -4.82 0.79
N GLY A 211 -9.69 -6.07 0.69
CA GLY A 211 -11.10 -6.37 0.80
C GLY A 211 -11.50 -6.78 2.21
N PHE A 212 -12.78 -7.13 2.35
CA PHE A 212 -13.42 -7.39 3.64
C PHE A 212 -13.71 -8.88 3.85
N ALA A 213 -13.73 -9.28 5.11
CA ALA A 213 -14.06 -10.65 5.49
C ALA A 213 -15.05 -10.61 6.65
N PRO A 214 -16.25 -10.09 6.43
CA PRO A 214 -17.24 -10.05 7.50
C PRO A 214 -17.81 -11.43 7.76
N ASN A 215 -18.60 -11.53 8.83
CA ASN A 215 -19.15 -12.79 9.27
C ASN A 215 -20.37 -13.20 8.45
N ILE A 216 -20.20 -13.22 7.12
CA ILE A 216 -21.19 -13.78 6.22
C ILE A 216 -21.39 -15.28 6.48
N LEU A 217 -22.63 -15.76 6.26
CA LEU A 217 -22.93 -17.14 6.65
C LEU A 217 -22.65 -18.18 5.57
N ASN A 218 -22.96 -17.89 4.31
CA ASN A 218 -22.73 -18.86 3.25
C ASN A 218 -22.24 -18.15 1.99
N ASN A 219 -21.74 -18.95 1.05
CA ASN A 219 -21.18 -18.37 -0.17
C ASN A 219 -22.23 -17.60 -0.94
N LYS A 220 -23.43 -18.17 -1.08
CA LYS A 220 -24.47 -17.43 -1.78
C LYS A 220 -24.67 -16.05 -1.18
N ASP A 221 -24.60 -15.94 0.15
CA ASP A 221 -24.86 -14.66 0.81
C ASP A 221 -23.83 -13.61 0.39
N ALA A 222 -22.56 -14.00 0.24
CA ALA A 222 -21.56 -13.10 -0.30
C ALA A 222 -21.96 -12.58 -1.67
N LEU A 223 -22.39 -13.48 -2.56
CA LEU A 223 -22.83 -13.03 -3.87
C LEU A 223 -23.98 -12.04 -3.76
N THR A 224 -24.94 -12.33 -2.87
CA THR A 224 -26.09 -11.44 -2.70
C THR A 224 -25.66 -10.06 -2.21
N LEU A 225 -24.75 -10.02 -1.23
CA LEU A 225 -24.23 -8.78 -0.69
C LEU A 225 -23.55 -7.95 -1.76
N ILE A 226 -22.77 -8.61 -2.62
CA ILE A 226 -22.09 -7.91 -3.70
C ILE A 226 -23.10 -7.37 -4.68
N GLN A 227 -24.07 -8.20 -5.04
CA GLN A 227 -25.16 -7.79 -5.92
C GLN A 227 -25.90 -6.56 -5.40
N GLU A 228 -26.12 -6.48 -4.08
CA GLU A 228 -26.90 -5.38 -3.54
C GLU A 228 -26.10 -4.08 -3.57
N SER A 229 -24.78 -4.15 -3.42
CA SER A 229 -23.94 -2.96 -3.51
C SER A 229 -23.80 -2.45 -4.94
N ILE A 230 -23.68 -3.36 -5.91
CA ILE A 230 -23.71 -2.96 -7.32
C ILE A 230 -24.97 -2.15 -7.59
N GLU A 231 -26.10 -2.55 -6.98
CA GLU A 231 -27.38 -1.91 -7.25
C GLU A 231 -27.50 -0.58 -6.51
N LYS A 232 -27.09 -0.55 -5.24
CA LYS A 232 -27.03 0.72 -4.53
C LYS A 232 -26.16 1.74 -5.27
N ALA A 233 -25.10 1.28 -5.93
CA ALA A 233 -24.24 2.18 -6.70
C ALA A 233 -24.83 2.56 -8.04
N GLY A 234 -25.89 1.87 -8.48
CA GLY A 234 -26.54 2.20 -9.72
C GLY A 234 -25.90 1.60 -10.95
N TYR A 235 -25.10 0.55 -10.78
CA TYR A 235 -24.34 -0.06 -11.86
C TYR A 235 -24.81 -1.48 -12.19
N THR A 236 -25.95 -1.91 -11.64
CA THR A 236 -26.49 -3.20 -12.01
C THR A 236 -26.52 -3.35 -13.52
N GLY A 237 -25.83 -4.37 -14.01
CA GLY A 237 -25.74 -4.59 -15.43
C GLY A 237 -24.46 -4.10 -16.06
N LYS A 238 -23.69 -3.24 -15.37
CA LYS A 238 -22.36 -2.86 -15.82
C LYS A 238 -21.22 -3.51 -15.03
N ILE A 239 -21.52 -4.19 -13.92
CA ILE A 239 -20.53 -4.91 -13.11
C ILE A 239 -20.87 -6.39 -13.12
N GLU A 240 -19.88 -7.23 -13.34
CA GLU A 240 -20.05 -8.68 -13.23
C GLU A 240 -19.15 -9.18 -12.10
N ILE A 241 -19.26 -10.47 -11.78
CA ILE A 241 -18.65 -11.05 -10.59
C ILE A 241 -17.63 -12.10 -11.00
N GLY A 242 -16.50 -12.13 -10.32
CA GLY A 242 -15.52 -13.19 -10.49
C GLY A 242 -15.34 -13.91 -9.16
N MET A 243 -14.85 -15.14 -9.20
CA MET A 243 -14.67 -15.89 -7.97
C MET A 243 -13.33 -16.61 -8.01
N ASP A 244 -12.65 -16.66 -6.87
CA ASP A 244 -11.55 -17.59 -6.67
C ASP A 244 -11.93 -18.52 -5.53
N VAL A 245 -12.27 -19.76 -5.88
CA VAL A 245 -12.73 -20.73 -4.91
C VAL A 245 -11.59 -21.29 -4.09
N ALA A 246 -10.43 -21.49 -4.70
CA ALA A 246 -9.30 -22.15 -4.02
C ALA A 246 -9.73 -23.50 -3.45
N ALA A 247 -10.29 -24.36 -4.32
CA ALA A 247 -10.91 -25.59 -3.87
C ALA A 247 -9.92 -26.63 -3.36
N SER A 248 -8.63 -26.54 -3.73
CA SER A 248 -7.65 -27.43 -3.11
C SER A 248 -7.75 -27.32 -1.61
N GLU A 249 -8.12 -26.14 -1.13
CA GLU A 249 -8.13 -25.85 0.30
C GLU A 249 -9.12 -26.74 1.05
N PHE A 250 -10.16 -27.24 0.39
CA PHE A 250 -11.13 -28.04 1.10
C PHE A 250 -11.42 -29.36 0.38
N TYR A 251 -10.44 -29.84 -0.40
CA TYR A 251 -10.54 -31.14 -1.05
C TYR A 251 -10.17 -32.23 -0.05
N LYS A 252 -11.04 -33.22 0.11
CA LYS A 252 -10.77 -34.35 1.00
C LYS A 252 -10.25 -35.57 0.26
N GLY A 253 -10.18 -35.55 -1.07
CA GLY A 253 -9.87 -36.72 -1.85
C GLY A 253 -11.11 -37.57 -2.11
N GLU A 254 -10.95 -38.54 -3.00
CA GLU A 254 -12.05 -39.40 -3.45
C GLU A 254 -13.28 -38.59 -3.83
N ASN A 255 -13.07 -37.50 -4.58
CA ASN A 255 -14.15 -36.69 -5.13
C ASN A 255 -15.03 -36.06 -4.04
N ILE A 256 -14.44 -35.67 -2.91
CA ILE A 256 -15.20 -35.07 -1.81
C ILE A 256 -14.61 -33.71 -1.43
N TYR A 257 -15.45 -32.68 -1.44
CA TYR A 257 -15.09 -31.34 -0.99
C TYR A 257 -15.89 -30.99 0.26
N ASP A 258 -15.25 -30.32 1.23
CA ASP A 258 -15.88 -30.02 2.52
C ASP A 258 -16.08 -28.51 2.67
N LEU A 259 -17.29 -28.04 2.41
CA LEU A 259 -17.56 -26.62 2.53
C LEU A 259 -17.55 -26.13 3.96
N ASP A 260 -17.35 -27.01 4.93
CA ASP A 260 -17.17 -26.65 6.33
C ASP A 260 -15.81 -27.10 6.80
N PHE A 261 -14.82 -27.00 5.90
CA PHE A 261 -13.47 -27.43 6.25
C PHE A 261 -12.88 -26.59 7.37
N LYS A 262 -13.38 -25.38 7.61
CA LYS A 262 -12.78 -24.56 8.66
C LYS A 262 -13.30 -24.92 10.04
N THR A 263 -14.36 -25.71 10.15
CA THR A 263 -14.85 -26.21 11.44
C THR A 263 -14.16 -27.55 11.71
N ALA A 264 -13.32 -27.59 12.74
CA ALA A 264 -12.63 -28.83 13.06
C ALA A 264 -13.60 -29.90 13.56
N ASN A 265 -13.27 -31.16 13.28
CA ASN A 265 -14.03 -32.34 13.73
C ASN A 265 -15.52 -32.16 13.43
N ASN A 266 -15.84 -31.73 12.21
CA ASN A 266 -17.21 -31.41 11.91
C ASN A 266 -18.02 -32.69 11.70
N ASP A 267 -19.33 -32.51 11.51
CA ASP A 267 -20.26 -33.61 11.36
C ASP A 267 -20.35 -34.12 9.93
N GLY A 268 -19.60 -33.54 8.99
CA GLY A 268 -19.66 -33.96 7.61
C GLY A 268 -20.92 -33.53 6.89
N SER A 269 -21.69 -32.59 7.46
CA SER A 269 -22.88 -32.10 6.77
C SER A 269 -22.56 -31.55 5.39
N GLN A 270 -21.46 -30.80 5.27
CA GLN A 270 -21.19 -30.05 4.06
C GLN A 270 -20.16 -30.71 3.18
N LYS A 271 -19.87 -31.98 3.43
CA LYS A 271 -19.06 -32.75 2.49
C LYS A 271 -19.93 -33.20 1.33
N ILE A 272 -19.47 -32.92 0.10
CA ILE A 272 -20.23 -33.15 -1.12
C ILE A 272 -19.27 -33.58 -2.23
N THR A 273 -19.84 -34.20 -3.27
CA THR A 273 -19.02 -34.67 -4.39
C THR A 273 -18.67 -33.53 -5.34
N GLY A 274 -17.73 -33.81 -6.23
CA GLY A 274 -17.36 -32.84 -7.26
C GLY A 274 -18.55 -32.36 -8.07
N ASP A 275 -19.42 -33.28 -8.46
CA ASP A 275 -20.56 -32.86 -9.29
C ASP A 275 -21.56 -32.07 -8.48
N GLN A 276 -21.73 -32.41 -7.20
CA GLN A 276 -22.55 -31.56 -6.34
C GLN A 276 -21.97 -30.15 -6.28
N LEU A 277 -20.64 -30.04 -6.20
CA LEU A 277 -20.01 -28.74 -6.24
C LEU A 277 -20.28 -28.05 -7.57
N ARG A 278 -20.06 -28.76 -8.69
CA ARG A 278 -20.32 -28.20 -10.01
C ARG A 278 -21.75 -27.70 -10.10
N ASP A 279 -22.71 -28.45 -9.57
CA ASP A 279 -24.11 -28.00 -9.60
C ASP A 279 -24.27 -26.73 -8.79
N MET A 280 -23.54 -26.63 -7.68
CA MET A 280 -23.60 -25.43 -6.87
C MET A 280 -23.14 -24.21 -7.68
N TYR A 281 -22.06 -24.36 -8.43
CA TYR A 281 -21.58 -23.27 -9.28
C TYR A 281 -22.63 -22.88 -10.31
N MET A 282 -23.31 -23.86 -10.91
CA MET A 282 -24.27 -23.52 -11.95
C MET A 282 -25.50 -22.84 -11.36
N GLU A 283 -25.92 -23.23 -10.16
CA GLU A 283 -26.93 -22.43 -9.46
C GLU A 283 -26.46 -20.99 -9.30
N PHE A 284 -25.27 -20.79 -8.73
CA PHE A 284 -24.71 -19.44 -8.63
C PHE A 284 -24.72 -18.74 -9.98
N CYS A 285 -24.18 -19.40 -11.01
CA CYS A 285 -24.10 -18.77 -12.32
C CYS A 285 -25.46 -18.43 -12.89
N ASN A 286 -26.51 -19.12 -12.45
CA ASN A 286 -27.82 -18.80 -12.98
C ASN A 286 -28.45 -17.61 -12.28
N GLU A 287 -28.15 -17.43 -10.99
CA GLU A 287 -28.77 -16.34 -10.23
C GLU A 287 -27.98 -15.03 -10.31
N PHE A 288 -26.66 -15.10 -10.48
CA PHE A 288 -25.82 -13.94 -10.35
C PHE A 288 -24.99 -13.72 -11.61
N PRO A 289 -24.57 -12.50 -11.86
CA PRO A 289 -23.78 -12.21 -13.06
C PRO A 289 -22.32 -12.64 -12.94
N ILE A 290 -22.12 -13.95 -12.71
CA ILE A 290 -20.78 -14.49 -12.58
C ILE A 290 -20.22 -14.80 -13.96
N VAL A 291 -19.00 -14.33 -14.22
CA VAL A 291 -18.36 -14.52 -15.51
C VAL A 291 -17.02 -15.24 -15.42
N SER A 292 -16.50 -15.46 -14.22
CA SER A 292 -15.20 -16.10 -14.04
C SER A 292 -15.15 -16.78 -12.68
N ILE A 293 -14.73 -18.04 -12.67
CA ILE A 293 -14.50 -18.79 -11.44
C ILE A 293 -13.10 -19.38 -11.57
N GLU A 294 -12.24 -19.09 -10.59
CA GLU A 294 -10.89 -19.59 -10.58
C GLU A 294 -10.77 -20.75 -9.59
N ASP A 295 -9.96 -21.75 -9.91
CA ASP A 295 -9.73 -22.92 -9.07
C ASP A 295 -11.03 -23.53 -8.54
N PRO A 296 -12.01 -23.83 -9.40
CA PRO A 296 -13.26 -24.40 -8.91
C PRO A 296 -13.11 -25.79 -8.33
N PHE A 297 -12.03 -26.51 -8.66
CA PHE A 297 -11.77 -27.82 -8.07
C PHE A 297 -10.29 -27.93 -7.73
N ASP A 298 -9.94 -29.05 -7.13
CA ASP A 298 -8.61 -29.24 -6.59
C ASP A 298 -7.56 -29.18 -7.71
N GLN A 299 -6.34 -28.77 -7.34
CA GLN A 299 -5.23 -28.65 -8.29
C GLN A 299 -4.96 -29.91 -9.10
N ASP A 300 -5.48 -31.09 -8.68
CA ASP A 300 -5.21 -32.33 -9.40
C ASP A 300 -6.47 -33.09 -9.75
N ASP A 301 -7.64 -32.51 -9.56
CA ASP A 301 -8.90 -33.18 -9.86
C ASP A 301 -9.32 -32.84 -11.30
N TRP A 302 -8.51 -33.32 -12.24
CA TRP A 302 -8.71 -33.00 -13.66
C TRP A 302 -10.14 -33.28 -14.10
N GLU A 303 -10.65 -34.49 -13.79
CA GLU A 303 -11.99 -34.90 -14.22
C GLU A 303 -13.03 -33.83 -13.95
N ASN A 304 -13.03 -33.27 -12.73
CA ASN A 304 -14.06 -32.30 -12.39
C ASN A 304 -13.84 -30.98 -13.15
N TRP A 305 -12.58 -30.59 -13.36
CA TRP A 305 -12.29 -29.39 -14.15
C TRP A 305 -12.85 -29.51 -15.57
N THR A 306 -12.54 -30.62 -16.23
CA THR A 306 -12.96 -30.82 -17.62
C THR A 306 -14.48 -30.79 -17.77
N LYS A 307 -15.21 -31.41 -16.83
CA LYS A 307 -16.66 -31.44 -16.93
C LYS A 307 -17.26 -30.06 -16.70
N MET A 308 -16.72 -29.30 -15.75
CA MET A 308 -17.28 -27.98 -15.56
C MET A 308 -17.00 -27.08 -16.75
N THR A 309 -15.76 -27.07 -17.24
CA THR A 309 -15.43 -26.26 -18.41
C THR A 309 -16.33 -26.62 -19.59
N SER A 310 -16.53 -27.93 -19.81
CA SER A 310 -17.43 -28.39 -20.87
C SER A 310 -18.88 -27.95 -20.65
N ALA A 311 -19.32 -27.86 -19.39
CA ALA A 311 -20.71 -27.58 -19.07
C ALA A 311 -21.06 -26.09 -19.04
N THR A 312 -20.06 -25.21 -18.94
CA THR A 312 -20.32 -23.79 -18.78
C THR A 312 -19.80 -23.02 -19.98
N ASN A 313 -20.23 -21.77 -20.04
CA ASN A 313 -19.82 -20.80 -21.03
C ASN A 313 -19.04 -19.64 -20.41
N ILE A 314 -18.60 -19.79 -19.17
CA ILE A 314 -17.93 -18.73 -18.45
C ILE A 314 -16.42 -19.00 -18.43
N GLN A 315 -15.66 -18.03 -17.93
CA GLN A 315 -14.23 -18.25 -17.79
C GLN A 315 -13.94 -19.18 -16.61
N ILE A 316 -13.06 -20.14 -16.83
CA ILE A 316 -12.59 -21.05 -15.80
C ILE A 316 -11.07 -20.87 -15.73
N VAL A 317 -10.58 -20.41 -14.58
CA VAL A 317 -9.21 -19.92 -14.42
C VAL A 317 -8.40 -20.92 -13.61
N GLY A 318 -7.28 -21.36 -14.18
CA GLY A 318 -6.34 -22.18 -13.44
C GLY A 318 -5.35 -21.31 -12.68
N ASP A 319 -5.17 -21.62 -11.40
CA ASP A 319 -4.16 -20.98 -10.57
C ASP A 319 -3.33 -22.09 -9.94
N ASP A 320 -3.82 -22.71 -8.87
CA ASP A 320 -3.12 -23.88 -8.33
C ASP A 320 -3.05 -25.02 -9.35
N LEU A 321 -4.03 -25.09 -10.26
CA LEU A 321 -3.98 -26.07 -11.34
C LEU A 321 -2.73 -25.89 -12.20
N THR A 322 -2.41 -24.64 -12.58
CA THR A 322 -1.44 -24.40 -13.63
C THR A 322 -0.14 -23.76 -13.15
N VAL A 323 -0.16 -23.08 -12.00
CA VAL A 323 1.01 -22.45 -11.39
C VAL A 323 1.95 -21.79 -12.39
N THR A 324 1.41 -21.11 -13.41
CA THR A 324 2.22 -20.42 -14.43
C THR A 324 3.33 -21.31 -14.98
N ASN A 325 3.00 -22.56 -15.26
CA ASN A 325 4.02 -23.53 -15.62
C ASN A 325 3.66 -24.13 -16.97
N PRO A 326 4.49 -23.93 -18.00
CA PRO A 326 4.15 -24.48 -19.32
C PRO A 326 3.79 -25.97 -19.32
N LYS A 327 4.51 -26.79 -18.55
CA LYS A 327 4.15 -28.21 -18.52
C LYS A 327 2.74 -28.41 -17.98
N ARG A 328 2.43 -27.82 -16.81
CA ARG A 328 1.07 -27.97 -16.27
C ARG A 328 0.04 -27.35 -17.22
N ILE A 329 0.35 -26.19 -17.78
CA ILE A 329 -0.55 -25.52 -18.70
C ILE A 329 -0.85 -26.44 -19.89
N ALA A 330 0.17 -27.16 -20.37
CA ALA A 330 -0.02 -28.04 -21.52
C ALA A 330 -0.98 -29.16 -21.19
N THR A 331 -0.77 -29.83 -20.04
CA THR A 331 -1.73 -30.82 -19.54
C THR A 331 -3.15 -30.26 -19.52
N ALA A 332 -3.33 -29.08 -18.89
CA ALA A 332 -4.66 -28.50 -18.75
C ALA A 332 -5.28 -28.21 -20.10
N VAL A 333 -4.49 -27.74 -21.06
CA VAL A 333 -4.98 -27.59 -22.43
C VAL A 333 -5.37 -28.96 -23.00
N GLU A 334 -4.44 -29.91 -22.98
CA GLU A 334 -4.75 -31.24 -23.51
C GLU A 334 -6.08 -31.76 -22.96
N LYS A 335 -6.30 -31.62 -21.64
CA LYS A 335 -7.49 -32.16 -21.02
C LYS A 335 -8.68 -31.22 -21.12
N LYS A 336 -8.51 -30.04 -21.67
CA LYS A 336 -9.55 -29.02 -21.67
C LYS A 336 -10.05 -28.74 -20.24
N ALA A 337 -9.10 -28.60 -19.31
CA ALA A 337 -9.46 -28.49 -17.90
C ALA A 337 -9.97 -27.09 -17.53
N CYS A 338 -9.50 -26.06 -18.21
CA CYS A 338 -9.92 -24.68 -17.96
C CYS A 338 -9.75 -23.92 -19.26
N ASN A 339 -10.09 -22.61 -19.24
CA ASN A 339 -9.95 -21.80 -20.45
C ASN A 339 -9.29 -20.45 -20.18
N CYS A 340 -8.52 -20.32 -19.10
CA CYS A 340 -7.85 -19.06 -18.77
C CYS A 340 -6.71 -19.35 -17.81
N LEU A 341 -5.56 -18.71 -18.04
CA LEU A 341 -4.39 -18.85 -17.20
C LEU A 341 -4.30 -17.68 -16.23
N LEU A 342 -4.10 -17.96 -14.95
CA LEU A 342 -3.71 -16.94 -13.99
C LEU A 342 -2.18 -16.82 -14.08
N LEU A 343 -1.70 -15.59 -14.25
CA LEU A 343 -0.30 -15.32 -14.59
C LEU A 343 0.38 -14.63 -13.42
N LYS A 344 1.26 -15.36 -12.75
CA LYS A 344 2.08 -14.87 -11.64
C LYS A 344 3.55 -14.95 -12.09
N VAL A 345 4.12 -13.79 -12.44
CA VAL A 345 5.48 -13.76 -12.99
C VAL A 345 6.46 -14.42 -12.03
N ASN A 346 6.29 -14.20 -10.74
CA ASN A 346 7.29 -14.77 -9.85
C ASN A 346 7.11 -16.26 -9.65
N GLN A 347 6.01 -16.83 -10.15
CA GLN A 347 5.81 -18.27 -10.06
C GLN A 347 6.68 -19.03 -11.07
N ILE A 348 7.02 -18.42 -12.19
CA ILE A 348 7.94 -19.00 -13.16
C ILE A 348 9.33 -18.39 -13.07
N GLY A 349 9.43 -17.07 -12.90
CA GLY A 349 10.67 -16.44 -12.45
C GLY A 349 11.43 -15.62 -13.47
N SER A 350 10.84 -15.34 -14.63
CA SER A 350 11.46 -14.46 -15.61
C SER A 350 10.39 -13.82 -16.47
N VAL A 351 10.77 -12.74 -17.14
CA VAL A 351 9.86 -12.07 -18.06
C VAL A 351 9.59 -12.96 -19.27
N THR A 352 10.64 -13.50 -19.87
CA THR A 352 10.47 -14.32 -21.07
C THR A 352 9.52 -15.48 -20.81
N GLU A 353 9.74 -16.21 -19.72
CA GLU A 353 8.90 -17.37 -19.42
C GLU A 353 7.47 -16.96 -19.13
N SER A 354 7.31 -15.81 -18.46
CA SER A 354 5.97 -15.27 -18.23
C SER A 354 5.27 -14.92 -19.53
N ILE A 355 5.98 -14.26 -20.44
CA ILE A 355 5.44 -14.02 -21.76
C ILE A 355 5.19 -15.35 -22.49
N ASP A 356 6.10 -16.30 -22.35
CA ASP A 356 5.92 -17.58 -23.03
C ASP A 356 4.69 -18.31 -22.53
N ALA A 357 4.46 -18.30 -21.20
CA ALA A 357 3.26 -18.95 -20.67
C ALA A 357 2.00 -18.26 -21.16
N HIS A 358 1.99 -16.92 -21.20
CA HIS A 358 0.84 -16.21 -21.77
C HIS A 358 0.60 -16.63 -23.23
N LEU A 359 1.66 -16.79 -24.02
CA LEU A 359 1.49 -17.10 -25.44
C LEU A 359 1.01 -18.52 -25.66
N LEU A 360 1.54 -19.47 -24.88
CA LEU A 360 1.01 -20.83 -24.90
C LEU A 360 -0.48 -20.84 -24.61
N ALA A 361 -0.93 -20.01 -23.66
CA ALA A 361 -2.36 -19.95 -23.39
C ALA A 361 -3.11 -19.34 -24.57
N LYS A 362 -2.59 -18.25 -25.12
CA LYS A 362 -3.30 -17.56 -26.19
C LYS A 362 -3.37 -18.42 -27.44
N LYS A 363 -2.33 -19.24 -27.68
CA LYS A 363 -2.24 -20.10 -28.86
C LYS A 363 -3.30 -21.19 -28.84
N ASN A 364 -3.76 -21.58 -27.65
CA ASN A 364 -4.73 -22.65 -27.46
C ASN A 364 -6.10 -22.13 -27.06
N GLY A 365 -6.39 -20.86 -27.32
CA GLY A 365 -7.70 -20.30 -27.09
C GLY A 365 -7.98 -19.76 -25.70
N TRP A 366 -7.05 -19.86 -24.76
CA TRP A 366 -7.29 -19.42 -23.40
C TRP A 366 -7.18 -17.90 -23.26
N GLY A 367 -7.88 -17.37 -22.28
CA GLY A 367 -7.56 -16.05 -21.79
C GLY A 367 -6.36 -16.09 -20.86
N THR A 368 -5.87 -14.90 -20.51
CA THR A 368 -4.87 -14.73 -19.46
C THR A 368 -5.32 -13.63 -18.51
N MET A 369 -5.33 -13.94 -17.22
CA MET A 369 -5.57 -12.96 -16.18
C MET A 369 -4.26 -12.71 -15.42
N VAL A 370 -3.75 -11.48 -15.50
CA VAL A 370 -2.55 -11.12 -14.75
C VAL A 370 -2.93 -10.97 -13.28
N SER A 371 -2.08 -11.49 -12.39
CA SER A 371 -2.40 -11.56 -10.97
C SER A 371 -1.29 -10.97 -10.09
N HIS A 372 -1.69 -10.28 -9.02
CA HIS A 372 -0.77 -9.93 -7.94
C HIS A 372 -0.42 -11.18 -7.12
N ARG A 373 0.42 -10.98 -6.10
CA ARG A 373 0.57 -11.93 -5.02
C ARG A 373 0.09 -11.29 -3.72
N SER A 374 -0.11 -12.11 -2.69
CA SER A 374 -0.62 -11.55 -1.44
C SER A 374 0.39 -10.57 -0.83
N GLY A 375 1.68 -10.87 -0.93
CA GLY A 375 2.71 -9.92 -0.57
C GLY A 375 3.21 -9.14 -1.77
N GLU A 376 2.69 -7.93 -1.95
CA GLU A 376 3.07 -7.04 -3.04
C GLU A 376 4.00 -5.96 -2.53
N THR A 377 4.48 -5.15 -3.47
CA THR A 377 5.31 -3.99 -3.18
C THR A 377 4.75 -2.80 -3.92
N GLU A 378 5.40 -1.66 -3.75
CA GLU A 378 5.08 -0.46 -4.53
C GLU A 378 5.39 -0.64 -6.01
N ASP A 379 6.13 -1.68 -6.39
CA ASP A 379 6.34 -2.01 -7.80
C ASP A 379 5.01 -2.11 -8.55
N CYS A 380 4.97 -1.59 -9.78
CA CYS A 380 3.78 -1.65 -10.61
C CYS A 380 4.06 -2.28 -11.98
N PHE A 381 5.08 -3.14 -12.07
CA PHE A 381 5.41 -3.82 -13.33
C PHE A 381 4.20 -4.49 -13.98
N ILE A 382 3.41 -5.24 -13.22
CA ILE A 382 2.33 -6.00 -13.85
C ILE A 382 1.24 -5.13 -14.43
N ALA A 383 1.22 -3.83 -14.07
CA ALA A 383 0.36 -2.88 -14.77
C ALA A 383 0.75 -2.76 -16.23
N ASP A 384 2.05 -2.60 -16.49
CA ASP A 384 2.54 -2.58 -17.87
C ASP A 384 2.48 -3.95 -18.50
N LEU A 385 2.66 -5.01 -17.70
CA LEU A 385 2.58 -6.35 -18.25
C LEU A 385 1.19 -6.61 -18.81
N VAL A 386 0.14 -6.31 -18.04
CA VAL A 386 -1.16 -6.69 -18.53
C VAL A 386 -1.53 -5.90 -19.77
N VAL A 387 -1.09 -4.64 -19.86
CA VAL A 387 -1.40 -3.85 -21.04
C VAL A 387 -0.59 -4.32 -22.25
N GLY A 388 0.70 -4.56 -22.05
CA GLY A 388 1.55 -5.03 -23.14
C GLY A 388 1.18 -6.39 -23.66
N LEU A 389 0.66 -7.26 -22.81
CA LEU A 389 0.25 -8.58 -23.27
C LEU A 389 -1.19 -8.60 -23.76
N CYS A 390 -1.91 -7.49 -23.66
CA CYS A 390 -3.22 -7.41 -24.31
C CYS A 390 -4.21 -8.43 -23.74
N THR A 391 -4.07 -8.79 -22.47
CA THR A 391 -4.90 -9.87 -21.93
C THR A 391 -6.30 -9.41 -21.53
N GLY A 392 -6.49 -8.12 -21.27
CA GLY A 392 -7.81 -7.60 -20.99
C GLY A 392 -8.29 -7.79 -19.56
N GLN A 393 -7.47 -8.32 -18.66
CA GLN A 393 -7.95 -8.59 -17.31
C GLN A 393 -6.78 -8.68 -16.34
N ILE A 394 -6.89 -8.01 -15.20
CA ILE A 394 -5.88 -8.11 -14.16
C ILE A 394 -6.57 -8.18 -12.82
N LYS A 395 -6.10 -9.09 -11.99
CA LYS A 395 -6.51 -9.21 -10.59
C LYS A 395 -5.34 -8.69 -9.75
N THR A 396 -5.50 -7.50 -9.18
CA THR A 396 -4.40 -6.98 -8.37
C THR A 396 -4.89 -6.21 -7.15
N GLY A 397 -6.07 -6.55 -6.65
CA GLY A 397 -6.50 -6.14 -5.33
C GLY A 397 -7.80 -5.38 -5.33
N ALA A 398 -8.33 -5.21 -4.12
CA ALA A 398 -9.40 -4.26 -3.89
C ALA A 398 -8.87 -2.89 -4.24
N PRO A 399 -9.71 -1.87 -4.38
CA PRO A 399 -9.20 -0.51 -4.58
C PRO A 399 -8.73 0.12 -3.26
N CYS A 400 -7.81 -0.56 -2.57
CA CYS A 400 -7.44 -0.18 -1.23
C CYS A 400 -6.11 -0.85 -0.88
N ARG A 401 -5.26 -0.11 -0.15
CA ARG A 401 -3.86 -0.50 0.09
C ARG A 401 -3.02 -0.15 -1.15
N SER A 402 -1.98 0.66 -0.98
CA SER A 402 -1.34 1.19 -2.17
C SER A 402 -0.50 0.15 -2.90
N GLU A 403 -0.17 -1.00 -2.29
CA GLU A 403 0.43 -2.05 -3.11
C GLU A 403 -0.53 -2.55 -4.18
N ARG A 404 -1.82 -2.23 -4.05
CA ARG A 404 -2.82 -2.47 -5.08
C ARG A 404 -3.09 -1.23 -5.92
N LEU A 405 -3.29 -0.07 -5.29
CA LEU A 405 -3.54 1.14 -6.07
C LEU A 405 -2.34 1.49 -6.95
N ALA A 406 -1.12 1.18 -6.51
CA ALA A 406 0.05 1.44 -7.35
C ALA A 406 -0.14 0.83 -8.74
N LYS A 407 -0.72 -0.37 -8.80
CA LYS A 407 -0.97 -0.99 -10.10
C LYS A 407 -2.11 -0.29 -10.82
N TYR A 408 -3.26 -0.11 -10.14
CA TYR A 408 -4.37 0.56 -10.78
C TYR A 408 -4.02 2.00 -11.16
N ASN A 409 -3.17 2.66 -10.37
CA ASN A 409 -2.76 4.01 -10.73
C ASN A 409 -1.87 4.00 -11.96
N GLN A 410 -0.99 2.99 -12.08
CA GLN A 410 -0.13 2.92 -13.25
C GLN A 410 -0.93 2.62 -14.53
N ILE A 411 -2.05 1.90 -14.42
CA ILE A 411 -2.90 1.69 -15.58
C ILE A 411 -3.58 2.99 -15.98
N LEU A 412 -4.08 3.75 -15.00
CA LEU A 412 -4.61 5.07 -15.31
C LEU A 412 -3.58 5.93 -16.05
N ARG A 413 -2.31 5.85 -15.63
CA ARG A 413 -1.31 6.67 -16.29
C ARG A 413 -1.06 6.18 -17.71
N ILE A 414 -1.16 4.86 -17.91
CA ILE A 414 -1.03 4.30 -19.24
C ILE A 414 -2.21 4.71 -20.11
N GLU A 415 -3.43 4.59 -19.57
CA GLU A 415 -4.62 5.07 -20.28
C GLU A 415 -4.42 6.51 -20.77
N GLU A 416 -3.93 7.38 -19.89
CA GLU A 416 -3.75 8.76 -20.27
C GLU A 416 -2.70 8.89 -21.37
N GLU A 417 -1.59 8.18 -21.23
CA GLU A 417 -0.53 8.25 -22.25
C GLU A 417 -1.02 7.84 -23.63
N LEU A 418 -1.98 6.91 -23.71
CA LEU A 418 -2.36 6.34 -25.00
C LEU A 418 -3.43 7.15 -25.74
N GLY A 419 -4.12 8.07 -25.04
CA GLY A 419 -5.16 8.85 -25.70
C GLY A 419 -6.10 8.02 -26.55
N SER A 420 -6.38 8.52 -27.76
CA SER A 420 -7.37 7.86 -28.64
C SER A 420 -7.01 6.43 -28.98
N ASN A 421 -5.77 6.03 -28.79
CA ASN A 421 -5.42 4.64 -29.03
C ASN A 421 -5.71 3.74 -27.82
N ALA A 422 -6.42 4.27 -26.82
CA ALA A 422 -6.63 3.59 -25.55
C ALA A 422 -7.96 2.84 -25.60
N LYS A 423 -7.93 1.63 -26.12
CA LYS A 423 -9.10 0.77 -26.09
C LYS A 423 -9.21 0.09 -24.72
N PHE A 424 -10.43 0.02 -24.19
CA PHE A 424 -10.74 -0.72 -22.97
C PHE A 424 -11.35 -2.08 -23.33
N ALA A 425 -10.91 -3.12 -22.63
CA ALA A 425 -11.31 -4.49 -22.98
C ALA A 425 -12.82 -4.71 -22.87
N GLY A 426 -13.45 -4.19 -21.81
CA GLY A 426 -14.90 -4.26 -21.69
C GLY A 426 -15.46 -5.68 -21.70
N LYS A 427 -16.62 -5.82 -22.34
CA LYS A 427 -17.26 -7.13 -22.42
C LYS A 427 -16.38 -8.18 -23.10
N LYS A 428 -15.34 -7.78 -23.82
CA LYS A 428 -14.43 -8.74 -24.45
C LYS A 428 -13.20 -9.01 -23.61
N PHE A 429 -13.32 -8.93 -22.28
CA PHE A 429 -12.17 -9.15 -21.41
C PHE A 429 -11.56 -10.52 -21.64
N ARG A 430 -12.36 -11.52 -22.02
CA ARG A 430 -11.81 -12.87 -22.15
C ARG A 430 -10.91 -13.00 -23.38
N LYS A 431 -11.37 -12.52 -24.54
CA LYS A 431 -10.59 -12.61 -25.78
C LYS A 431 -10.53 -11.24 -26.44
N PRO A 432 -9.77 -10.34 -25.88
CA PRO A 432 -9.79 -8.96 -26.39
C PRO A 432 -8.97 -8.82 -27.67
N CYS A 433 -7.74 -9.32 -27.66
CA CYS A 433 -6.77 -9.07 -28.75
C CYS A 433 -6.45 -10.36 -29.50
N SER B 1 13.21 27.04 -16.81
CA SER B 1 13.24 25.78 -16.08
C SER B 1 11.95 24.95 -16.21
N ILE B 2 10.79 25.44 -15.73
CA ILE B 2 9.58 24.62 -15.77
C ILE B 2 8.98 24.65 -17.17
N THR B 3 8.90 23.49 -17.81
CA THR B 3 8.37 23.40 -19.16
C THR B 3 6.96 22.83 -19.25
N LYS B 4 6.50 22.11 -18.23
CA LYS B 4 5.16 21.55 -18.26
C LYS B 4 4.78 21.15 -16.84
N VAL B 5 3.53 21.39 -16.50
CA VAL B 5 2.93 20.93 -15.25
C VAL B 5 1.58 20.34 -15.61
N PHE B 6 1.36 19.10 -15.22
CA PHE B 6 0.13 18.38 -15.54
C PHE B 6 -0.29 17.55 -14.33
N ALA B 7 -1.54 17.71 -13.92
CA ALA B 7 -2.08 17.00 -12.77
C ALA B 7 -3.12 15.99 -13.24
N ARG B 8 -3.27 14.93 -12.46
CA ARG B 8 -4.19 13.85 -12.78
C ARG B 8 -4.83 13.37 -11.48
N THR B 9 -5.85 12.53 -11.60
CA THR B 9 -6.40 11.82 -10.46
C THR B 9 -5.74 10.46 -10.32
N ILE B 10 -5.35 10.12 -9.10
CA ILE B 10 -5.03 8.75 -8.74
C ILE B 10 -5.81 8.40 -7.47
N PHE B 11 -5.76 7.14 -7.11
CA PHE B 11 -6.46 6.67 -5.92
C PHE B 11 -5.46 6.54 -4.78
N ASP B 12 -5.83 7.07 -3.61
CA ASP B 12 -5.01 6.90 -2.43
C ASP B 12 -5.28 5.54 -1.79
N SER B 13 -4.60 5.27 -0.66
CA SER B 13 -4.63 3.94 -0.08
C SER B 13 -5.98 3.58 0.50
N ARG B 14 -6.89 4.53 0.64
CA ARG B 14 -8.22 4.25 1.14
C ARG B 14 -9.24 4.11 0.02
N GLY B 15 -8.80 4.12 -1.23
CA GLY B 15 -9.71 4.07 -2.35
C GLY B 15 -10.36 5.40 -2.67
N ASN B 16 -9.69 6.51 -2.38
CA ASN B 16 -10.28 7.80 -2.66
C ASN B 16 -9.43 8.60 -3.63
N PRO B 17 -10.05 9.33 -4.55
CA PRO B 17 -9.28 10.16 -5.49
C PRO B 17 -8.37 11.13 -4.76
N THR B 18 -7.25 11.44 -5.41
CA THR B 18 -6.34 12.47 -4.91
C THR B 18 -5.51 12.98 -6.08
N VAL B 19 -4.72 14.02 -5.80
CA VAL B 19 -4.02 14.77 -6.82
C VAL B 19 -2.60 14.24 -6.98
N GLU B 20 -2.22 13.96 -8.23
CA GLU B 20 -0.86 13.65 -8.61
C GLU B 20 -0.41 14.67 -9.65
N VAL B 21 0.84 15.11 -9.54
CA VAL B 21 1.37 16.17 -10.39
C VAL B 21 2.61 15.68 -11.10
N ASP B 22 2.67 15.89 -12.42
CA ASP B 22 3.88 15.73 -13.22
C ASP B 22 4.43 17.11 -13.57
N LEU B 23 5.66 17.37 -13.16
CA LEU B 23 6.38 18.58 -13.54
C LEU B 23 7.60 18.21 -14.37
N TYR B 24 7.79 18.92 -15.48
CA TYR B 24 8.87 18.65 -16.43
C TYR B 24 9.88 19.79 -16.42
N THR B 25 11.17 19.43 -16.52
CA THR B 25 12.24 20.37 -16.81
C THR B 25 13.16 19.72 -17.84
N HIS B 26 14.15 20.48 -18.31
CA HIS B 26 15.13 19.87 -19.22
C HIS B 26 15.79 18.64 -18.60
N LYS B 27 15.69 18.47 -17.29
CA LYS B 27 16.21 17.28 -16.62
C LYS B 27 15.20 16.13 -16.56
N GLY B 28 13.94 16.35 -16.93
CA GLY B 28 13.01 15.26 -17.02
C GLY B 28 11.68 15.43 -16.31
N LEU B 29 11.09 14.31 -15.91
CA LEU B 29 9.77 14.28 -15.30
C LEU B 29 9.92 14.13 -13.78
N PHE B 30 9.16 14.91 -13.04
CA PHE B 30 9.16 14.81 -11.59
C PHE B 30 7.74 14.74 -11.09
N ARG B 31 7.46 13.70 -10.31
CA ARG B 31 6.11 13.27 -9.99
C ARG B 31 5.91 13.32 -8.48
N ALA B 32 4.81 13.91 -8.05
CA ALA B 32 4.50 13.96 -6.62
C ALA B 32 2.99 13.83 -6.46
N ALA B 33 2.59 13.17 -5.37
CA ALA B 33 1.18 13.00 -5.07
C ALA B 33 0.88 13.49 -3.65
N VAL B 34 -0.38 13.79 -3.42
CA VAL B 34 -0.85 14.52 -2.24
C VAL B 34 -1.58 13.55 -1.32
N PRO B 35 -1.20 13.43 -0.05
CA PRO B 35 -1.93 12.57 0.89
C PRO B 35 -3.21 13.27 1.34
N SER B 36 -3.99 12.56 2.15
CA SER B 36 -5.26 13.09 2.66
C SER B 36 -5.57 12.46 4.01
N GLY B 37 -6.03 13.29 4.95
CA GLY B 37 -6.39 12.82 6.27
C GLY B 37 -7.80 12.28 6.28
N ALA B 38 -7.97 11.12 6.94
CA ALA B 38 -9.31 10.56 7.12
C ALA B 38 -10.17 11.49 7.96
N SER B 39 -9.56 12.08 8.98
CA SER B 39 -10.16 13.13 9.81
C SER B 39 -9.19 14.30 9.83
N THR B 40 -9.67 15.49 9.49
CA THR B 40 -8.82 16.67 9.41
C THR B 40 -9.15 17.67 10.51
N GLY B 41 -8.11 18.14 11.20
CA GLY B 41 -8.28 19.23 12.14
C GLY B 41 -8.89 20.45 11.48
N VAL B 42 -9.56 21.27 12.30
CA VAL B 42 -10.38 22.37 11.80
C VAL B 42 -9.53 23.48 11.17
N HIS B 43 -8.30 23.69 11.65
CA HIS B 43 -7.42 24.74 11.16
C HIS B 43 -6.50 24.33 10.01
N GLU B 44 -6.73 23.16 9.40
CA GLU B 44 -5.89 22.72 8.31
C GLU B 44 -6.16 23.55 7.04
N ALA B 45 -5.14 23.70 6.21
CA ALA B 45 -5.33 24.29 4.89
C ALA B 45 -6.33 23.47 4.08
N LEU B 46 -7.07 24.14 3.21
CA LEU B 46 -8.26 23.57 2.58
C LEU B 46 -7.87 22.54 1.52
N GLU B 47 -8.18 21.27 1.78
CA GLU B 47 -8.14 20.24 0.75
C GLU B 47 -9.39 20.38 -0.12
N MET B 48 -9.21 20.51 -1.44
CA MET B 48 -10.33 20.86 -2.30
C MET B 48 -10.97 19.62 -2.87
N ARG B 49 -12.25 19.41 -2.53
CA ARG B 49 -13.03 18.27 -3.00
C ARG B 49 -14.17 18.75 -3.87
N ASP B 50 -14.54 17.92 -4.85
CA ASP B 50 -15.62 18.30 -5.76
C ASP B 50 -16.96 18.38 -5.06
N GLY B 51 -17.20 17.56 -4.04
CA GLY B 51 -18.44 17.63 -3.30
C GLY B 51 -19.68 17.27 -4.11
N ASP B 52 -19.54 16.54 -5.20
CA ASP B 52 -20.68 16.01 -5.93
C ASP B 52 -20.95 14.61 -5.38
N LYS B 53 -21.99 14.48 -4.56
CA LYS B 53 -22.22 13.21 -3.88
C LYS B 53 -22.39 12.04 -4.85
N SER B 54 -22.81 12.31 -6.09
CA SER B 54 -23.05 11.22 -7.04
C SER B 54 -21.75 10.59 -7.56
N LYS B 55 -20.61 11.29 -7.47
CA LYS B 55 -19.33 10.78 -7.98
C LYS B 55 -18.37 10.58 -6.83
N TYR B 56 -17.94 9.34 -6.62
CA TYR B 56 -16.89 9.04 -5.63
C TYR B 56 -17.29 9.55 -4.25
N HIS B 57 -18.56 9.35 -3.90
CA HIS B 57 -19.20 9.96 -2.73
C HIS B 57 -18.66 11.34 -2.38
N GLY B 58 -18.57 12.22 -3.38
CA GLY B 58 -18.16 13.61 -3.17
C GLY B 58 -16.67 13.84 -3.04
N LYS B 59 -15.84 12.81 -3.26
CA LYS B 59 -14.41 12.88 -2.95
C LYS B 59 -13.54 13.08 -4.18
N SER B 60 -14.11 13.22 -5.38
CA SER B 60 -13.28 13.47 -6.53
C SER B 60 -12.60 14.82 -6.39
N VAL B 61 -11.49 14.98 -7.12
CA VAL B 61 -10.63 16.15 -7.01
C VAL B 61 -10.44 16.74 -8.41
N PHE B 62 -11.52 16.76 -9.20
CA PHE B 62 -11.43 17.27 -10.56
C PHE B 62 -11.14 18.76 -10.58
N LYS B 63 -11.78 19.52 -9.68
CA LYS B 63 -11.53 20.97 -9.64
C LYS B 63 -10.09 21.25 -9.24
N ALA B 64 -9.59 20.56 -8.22
CA ALA B 64 -8.21 20.73 -7.81
C ALA B 64 -7.26 20.35 -8.94
N VAL B 65 -7.56 19.27 -9.66
CA VAL B 65 -6.69 18.93 -10.77
C VAL B 65 -6.70 20.04 -11.80
N ASN B 66 -7.89 20.55 -12.11
CA ASN B 66 -7.99 21.61 -13.09
C ASN B 66 -7.30 22.87 -12.62
N ASN B 67 -7.27 23.10 -11.31
CA ASN B 67 -6.58 24.28 -10.82
C ASN B 67 -5.09 24.19 -11.08
N VAL B 68 -4.52 22.99 -11.05
CA VAL B 68 -3.13 22.82 -11.44
C VAL B 68 -2.98 23.02 -12.94
N ASN B 69 -3.81 22.33 -13.72
CA ASN B 69 -3.59 22.26 -15.16
C ASN B 69 -3.86 23.59 -15.85
N SER B 70 -4.88 24.32 -15.39
CA SER B 70 -5.36 25.51 -16.09
C SER B 70 -5.04 26.82 -15.41
N ILE B 71 -4.55 26.82 -14.17
CA ILE B 71 -4.19 28.09 -13.53
C ILE B 71 -2.71 28.08 -13.11
N ILE B 72 -2.34 27.17 -12.21
CA ILE B 72 -0.97 27.17 -11.69
C ILE B 72 0.02 26.90 -12.82
N ALA B 73 -0.27 25.94 -13.70
CA ALA B 73 0.70 25.55 -14.73
C ALA B 73 1.02 26.70 -15.67
N PRO B 74 0.04 27.28 -16.36
CA PRO B 74 0.36 28.42 -17.25
C PRO B 74 0.96 29.60 -16.52
N GLU B 75 0.56 29.87 -15.28
CA GLU B 75 1.10 31.03 -14.58
C GLU B 75 2.55 30.80 -14.17
N ILE B 76 2.85 29.62 -13.59
CA ILE B 76 4.20 29.46 -13.06
C ILE B 76 5.20 29.34 -14.20
N ILE B 77 4.77 28.75 -15.31
CA ILE B 77 5.63 28.68 -16.49
C ILE B 77 5.86 30.08 -17.04
N LYS B 78 4.80 30.87 -17.15
CA LYS B 78 4.95 32.22 -17.64
C LYS B 78 5.93 33.00 -16.78
N SER B 79 5.94 32.73 -15.48
CA SER B 79 6.76 33.47 -14.54
C SER B 79 8.24 33.24 -14.78
N GLY B 80 8.61 32.14 -15.41
CA GLY B 80 10.02 31.84 -15.58
C GLY B 80 10.76 31.50 -14.30
N LEU B 81 10.08 31.47 -13.15
CA LEU B 81 10.72 30.96 -11.94
C LEU B 81 11.33 29.59 -12.21
N LYS B 82 12.37 29.26 -11.47
CA LYS B 82 13.07 27.99 -11.67
C LYS B 82 12.82 27.05 -10.50
N VAL B 83 12.82 25.74 -10.80
CA VAL B 83 12.52 24.76 -9.77
C VAL B 83 13.55 24.78 -8.65
N THR B 84 14.62 25.53 -8.85
CA THR B 84 15.63 25.70 -7.83
C THR B 84 15.28 26.79 -6.81
N GLN B 85 14.26 27.61 -7.05
CA GLN B 85 13.85 28.64 -6.09
C GLN B 85 12.55 28.21 -5.40
N GLN B 86 12.67 27.29 -4.43
CA GLN B 86 11.49 26.75 -3.78
C GLN B 86 10.59 27.86 -3.22
N LYS B 87 11.16 28.70 -2.34
CA LYS B 87 10.37 29.74 -1.68
C LYS B 87 9.66 30.63 -2.69
N GLU B 88 10.34 31.03 -3.75
CA GLU B 88 9.75 31.98 -4.68
C GLU B 88 8.62 31.33 -5.48
N CYS B 89 8.83 30.09 -5.92
CA CYS B 89 7.74 29.31 -6.47
C CYS B 89 6.61 29.19 -5.46
N ASP B 90 6.91 28.67 -4.27
CA ASP B 90 5.86 28.52 -3.26
C ASP B 90 5.16 29.85 -3.00
N ASP B 91 5.92 30.94 -2.89
CA ASP B 91 5.31 32.26 -2.66
C ASP B 91 4.42 32.67 -3.81
N PHE B 92 4.86 32.40 -5.03
CA PHE B 92 4.08 32.75 -6.22
C PHE B 92 2.73 32.03 -6.22
N MET B 93 2.71 30.73 -5.91
CA MET B 93 1.45 30.00 -5.88
C MET B 93 0.55 30.49 -4.75
N ARG B 94 1.12 30.73 -3.57
CA ARG B 94 0.34 31.28 -2.47
C ARG B 94 -0.29 32.61 -2.86
N LYS B 95 0.50 33.48 -3.49
CA LYS B 95 -0.05 34.76 -3.94
C LYS B 95 -1.05 34.55 -5.06
N LEU B 96 -0.79 33.62 -5.98
CA LEU B 96 -1.79 33.27 -6.98
C LEU B 96 -3.09 32.81 -6.35
N ASP B 97 -3.04 32.11 -5.20
CA ASP B 97 -4.30 31.68 -4.57
C ASP B 97 -4.98 32.86 -3.87
N GLY B 98 -4.23 33.62 -3.06
CA GLY B 98 -4.69 34.85 -2.46
C GLY B 98 -5.37 34.72 -1.11
N THR B 99 -5.80 33.50 -0.74
CA THR B 99 -6.42 33.19 0.53
C THR B 99 -5.38 32.71 1.54
N GLU B 100 -5.78 32.76 2.83
CA GLU B 100 -4.89 32.33 3.91
C GLU B 100 -4.87 30.83 4.06
N ASN B 101 -5.97 30.16 3.71
CA ASN B 101 -6.12 28.73 3.89
C ASN B 101 -6.08 27.99 2.56
N LYS B 102 -5.65 28.67 1.49
CA LYS B 102 -5.49 28.07 0.16
C LYS B 102 -6.82 27.53 -0.37
N SER B 103 -7.90 28.23 -0.05
CA SER B 103 -9.26 27.79 -0.38
C SER B 103 -9.69 28.13 -1.81
N ARG B 104 -8.89 28.88 -2.57
CA ARG B 104 -9.31 29.23 -3.91
C ARG B 104 -8.82 28.22 -4.94
N LEU B 105 -7.55 27.82 -4.86
CA LEU B 105 -6.97 26.79 -5.72
C LEU B 105 -6.96 25.42 -5.07
N GLY B 106 -6.96 25.36 -3.73
CA GLY B 106 -6.80 24.11 -3.02
C GLY B 106 -5.39 23.86 -2.50
N ALA B 107 -5.28 23.51 -1.22
CA ALA B 107 -3.98 23.08 -0.70
C ALA B 107 -3.49 21.86 -1.46
N ASN B 108 -4.40 20.99 -1.91
CA ASN B 108 -3.95 19.80 -2.61
C ASN B 108 -3.43 20.14 -4.01
N ALA B 109 -3.95 21.20 -4.62
CA ALA B 109 -3.38 21.66 -5.89
C ALA B 109 -1.98 22.25 -5.68
N ILE B 110 -1.82 23.09 -4.67
CA ILE B 110 -0.56 23.80 -4.52
C ILE B 110 0.53 22.86 -4.01
N LEU B 111 0.20 21.92 -3.15
CA LEU B 111 1.24 21.07 -2.57
C LEU B 111 1.81 20.13 -3.62
N GLY B 112 0.95 19.58 -4.50
CA GLY B 112 1.43 18.70 -5.56
C GLY B 112 2.49 19.35 -6.42
N VAL B 113 2.27 20.60 -6.84
CA VAL B 113 3.29 21.32 -7.59
C VAL B 113 4.51 21.58 -6.70
N SER B 114 4.27 22.07 -5.50
CA SER B 114 5.37 22.40 -4.59
C SER B 114 6.28 21.21 -4.36
N LEU B 115 5.69 20.04 -4.14
CA LEU B 115 6.48 18.83 -3.92
C LEU B 115 7.24 18.44 -5.17
N ALA B 116 6.62 18.62 -6.33
CA ALA B 116 7.29 18.25 -7.56
C ALA B 116 8.39 19.26 -7.90
N ILE B 117 8.13 20.56 -7.72
CA ILE B 117 9.19 21.56 -7.84
C ILE B 117 10.39 21.15 -7.00
N CYS B 118 10.13 20.73 -5.75
CA CYS B 118 11.23 20.37 -4.87
C CYS B 118 12.03 19.20 -5.43
N LYS B 119 11.34 18.18 -5.96
CA LYS B 119 12.09 17.07 -6.54
C LYS B 119 12.87 17.49 -7.77
N ALA B 120 12.31 18.39 -8.57
CA ALA B 120 13.01 18.85 -9.76
C ALA B 120 14.18 19.77 -9.40
N GLY B 121 14.04 20.56 -8.32
CA GLY B 121 15.17 21.36 -7.88
C GLY B 121 16.36 20.51 -7.46
N ALA B 122 16.09 19.37 -6.80
CA ALA B 122 17.18 18.48 -6.40
C ALA B 122 17.88 17.92 -7.62
N ALA B 123 17.10 17.41 -8.57
CA ALA B 123 17.67 16.94 -9.83
C ALA B 123 18.46 18.05 -10.53
N GLU B 124 17.94 19.27 -10.51
CA GLU B 124 18.66 20.36 -11.17
C GLU B 124 20.05 20.55 -10.57
N LEU B 125 20.21 20.33 -9.28
CA LEU B 125 21.49 20.49 -8.61
C LEU B 125 22.26 19.18 -8.48
N GLY B 126 21.85 18.14 -9.19
CA GLY B 126 22.47 16.82 -9.09
C GLY B 126 22.56 16.21 -7.70
N ILE B 127 21.54 16.39 -6.87
CA ILE B 127 21.66 15.84 -5.53
C ILE B 127 20.39 15.07 -5.15
N PRO B 128 20.49 14.08 -4.24
CA PRO B 128 19.27 13.41 -3.76
C PRO B 128 18.34 14.40 -3.09
N LEU B 129 17.04 14.08 -3.12
CA LEU B 129 16.05 14.97 -2.53
C LEU B 129 16.36 15.32 -1.09
N TYR B 130 16.79 14.35 -0.28
CA TYR B 130 17.08 14.63 1.13
C TYR B 130 18.21 15.63 1.26
N ARG B 131 19.21 15.56 0.38
CA ARG B 131 20.29 16.54 0.45
C ARG B 131 19.79 17.94 0.09
N HIS B 132 18.95 18.06 -0.94
CA HIS B 132 18.39 19.36 -1.33
C HIS B 132 17.51 19.93 -0.23
N ILE B 133 16.64 19.10 0.35
CA ILE B 133 15.84 19.52 1.50
C ILE B 133 16.75 19.98 2.62
N ALA B 134 17.76 19.17 2.96
CA ALA B 134 18.71 19.56 4.00
C ALA B 134 19.33 20.92 3.69
N ASN B 135 19.83 21.11 2.47
CA ASN B 135 20.38 22.41 2.08
C ASN B 135 19.34 23.51 2.23
N LEU B 136 18.10 23.24 1.81
CA LEU B 136 17.05 24.25 1.95
C LEU B 136 16.78 24.63 3.41
N ALA B 137 17.18 23.80 4.37
CA ALA B 137 17.01 24.07 5.80
C ALA B 137 18.32 24.46 6.48
N ASN B 138 19.36 24.75 5.70
CA ASN B 138 20.72 25.03 6.17
C ASN B 138 21.25 23.98 7.16
N TYR B 139 20.99 22.70 6.86
CA TYR B 139 21.57 21.60 7.60
C TYR B 139 22.74 21.02 6.82
N SER B 140 23.86 20.77 7.50
CA SER B 140 25.02 20.16 6.88
C SER B 140 25.01 18.64 7.00
N ASP B 141 24.48 18.13 8.10
CA ASP B 141 24.40 16.70 8.36
C ASP B 141 22.95 16.27 8.34
N VAL B 142 22.72 15.03 7.95
CA VAL B 142 21.39 14.46 7.99
C VAL B 142 21.45 13.26 8.93
N ILE B 143 20.29 12.87 9.43
CA ILE B 143 20.22 11.76 10.38
C ILE B 143 19.05 10.87 10.00
N LEU B 144 19.25 9.55 10.11
CA LEU B 144 18.16 8.62 9.88
C LEU B 144 17.23 8.64 11.09
N PRO B 145 15.91 8.52 10.88
CA PRO B 145 14.96 8.67 11.99
C PRO B 145 14.66 7.37 12.71
N VAL B 146 14.29 7.49 13.98
CA VAL B 146 13.59 6.38 14.63
C VAL B 146 12.19 6.27 14.02
N PRO B 147 11.79 5.09 13.53
CA PRO B 147 10.42 4.94 13.02
C PRO B 147 9.43 4.74 14.15
N ALA B 148 8.24 5.32 14.01
CA ALA B 148 7.14 5.22 14.99
C ALA B 148 5.96 4.48 14.34
N PHE B 149 5.81 3.20 14.65
CA PHE B 149 4.88 2.31 13.96
C PHE B 149 3.54 2.26 14.69
N ASN B 150 2.47 2.64 13.99
CA ASN B 150 1.14 2.55 14.58
C ASN B 150 0.63 1.11 14.62
N VAL B 151 0.87 0.39 15.73
CA VAL B 151 0.53 -1.03 15.83
C VAL B 151 -0.91 -1.25 16.29
N ILE B 152 -1.38 -0.57 17.35
CA ILE B 152 -2.69 -0.83 17.94
C ILE B 152 -3.54 0.43 17.81
N ASN B 153 -4.80 0.26 17.45
CA ASN B 153 -5.66 1.39 17.15
C ASN B 153 -6.97 1.36 17.91
N GLY B 154 -7.40 2.54 18.37
CA GLY B 154 -8.70 2.80 18.94
C GLY B 154 -9.23 4.08 18.34
N GLY B 155 -10.20 4.70 18.98
CA GLY B 155 -10.65 6.01 18.54
C GLY B 155 -11.76 5.93 17.51
N SER B 156 -12.09 7.11 16.94
CA SER B 156 -13.28 7.18 16.11
C SER B 156 -13.27 6.16 14.96
N HIS B 157 -12.10 5.71 14.52
CA HIS B 157 -12.05 4.85 13.34
C HIS B 157 -11.87 3.37 13.66
N ALA B 158 -11.70 2.99 14.92
CA ALA B 158 -11.75 1.60 15.35
C ALA B 158 -13.11 1.27 15.98
N GLY B 159 -13.43 -0.01 16.05
CA GLY B 159 -14.67 -0.48 16.65
C GLY B 159 -14.58 -0.91 18.10
N ASN B 160 -13.42 -0.82 18.72
CA ASN B 160 -13.13 -1.54 19.95
C ASN B 160 -13.49 -0.78 21.22
N LYS B 161 -13.90 0.48 21.11
CA LYS B 161 -14.28 1.34 22.25
C LYS B 161 -13.07 1.98 22.96
N LEU B 162 -11.84 1.63 22.61
CA LEU B 162 -10.68 2.42 23.02
C LEU B 162 -10.81 3.85 22.49
N ALA B 163 -10.65 4.83 23.39
CA ALA B 163 -10.84 6.23 22.98
C ALA B 163 -9.58 6.81 22.36
N MET B 164 -8.41 6.44 22.88
CA MET B 164 -7.17 6.93 22.31
C MET B 164 -6.89 6.23 20.99
N GLN B 165 -6.39 7.00 20.03
CA GLN B 165 -6.45 6.62 18.63
C GLN B 165 -5.33 5.68 18.21
N GLU B 166 -4.08 6.01 18.51
CA GLU B 166 -2.93 5.24 18.02
C GLU B 166 -1.99 4.89 19.14
N PHE B 167 -1.57 3.63 19.18
CA PHE B 167 -0.49 3.15 20.02
C PHE B 167 0.69 2.78 19.13
N MET B 168 1.87 3.32 19.43
CA MET B 168 3.00 3.29 18.52
C MET B 168 4.19 2.66 19.22
N ILE B 169 5.05 2.00 18.47
CA ILE B 169 6.29 1.45 19.01
C ILE B 169 7.46 2.11 18.29
N LEU B 170 8.49 2.43 19.08
CA LEU B 170 9.67 3.14 18.61
C LEU B 170 10.93 2.36 18.99
N PRO B 171 11.65 1.76 18.02
CA PRO B 171 12.91 1.09 18.35
C PRO B 171 14.02 2.10 18.61
N THR B 172 13.83 2.94 19.64
CA THR B 172 14.88 3.88 20.02
C THR B 172 16.16 3.16 20.40
N GLY B 173 16.05 1.89 20.82
CA GLY B 173 17.19 1.08 21.19
C GLY B 173 17.88 0.37 20.06
N ALA B 174 17.53 0.67 18.81
CA ALA B 174 18.19 0.04 17.69
C ALA B 174 19.52 0.73 17.39
N SER B 175 20.42 0.00 16.75
CA SER B 175 21.73 0.53 16.36
C SER B 175 21.76 1.09 14.94
N SER B 176 20.66 1.02 14.21
CA SER B 176 20.65 1.43 12.82
C SER B 176 19.20 1.41 12.37
N PHE B 177 18.91 2.14 11.29
CA PHE B 177 17.56 2.11 10.77
C PHE B 177 17.18 0.71 10.32
N THR B 178 18.16 -0.03 9.77
CA THR B 178 17.91 -1.42 9.40
C THR B 178 17.47 -2.24 10.62
N GLU B 179 18.17 -2.09 11.75
CA GLU B 179 17.76 -2.83 12.94
C GLU B 179 16.43 -2.33 13.48
N ALA B 180 16.19 -1.02 13.38
CA ALA B 180 14.88 -0.51 13.77
C ALA B 180 13.77 -1.18 12.96
N MET B 181 13.98 -1.36 11.66
CA MET B 181 13.03 -2.09 10.82
C MET B 181 12.90 -3.55 11.25
N ARG B 182 14.04 -4.21 11.47
CA ARG B 182 13.96 -5.58 11.96
C ARG B 182 13.17 -5.67 13.25
N MET B 183 13.35 -4.70 14.15
CA MET B 183 12.66 -4.73 15.43
C MET B 183 11.18 -4.45 15.27
N GLY B 184 10.84 -3.40 14.50
CA GLY B 184 9.44 -3.11 14.24
C GLY B 184 8.71 -4.27 13.59
N SER B 185 9.29 -4.85 12.54
CA SER B 185 8.57 -5.94 11.87
C SER B 185 8.48 -7.15 12.78
N GLU B 186 9.54 -7.47 13.53
CA GLU B 186 9.47 -8.67 14.36
C GLU B 186 8.42 -8.49 15.46
N VAL B 187 8.38 -7.31 16.07
CA VAL B 187 7.35 -7.03 17.07
C VAL B 187 5.97 -7.07 16.45
N TYR B 188 5.83 -6.53 15.24
CA TYR B 188 4.52 -6.55 14.58
C TYR B 188 4.03 -7.98 14.37
N HIS B 189 4.90 -8.86 13.87
CA HIS B 189 4.45 -10.23 13.62
C HIS B 189 4.11 -10.94 14.92
N HIS B 190 4.93 -10.74 15.96
CA HIS B 190 4.57 -11.33 17.25
C HIS B 190 3.23 -10.78 17.75
N LEU B 191 3.03 -9.47 17.64
CA LEU B 191 1.76 -8.89 18.06
C LEU B 191 0.61 -9.52 17.31
N LYS B 192 0.77 -9.67 15.99
CA LYS B 192 -0.28 -10.33 15.20
C LYS B 192 -0.61 -11.69 15.80
N ALA B 193 0.41 -12.52 16.06
CA ALA B 193 0.18 -13.86 16.60
C ALA B 193 -0.50 -13.82 17.98
N VAL B 194 -0.06 -12.92 18.85
CA VAL B 194 -0.75 -12.71 20.13
C VAL B 194 -2.23 -12.39 19.90
N ILE B 195 -2.53 -11.47 18.99
CA ILE B 195 -3.93 -11.09 18.77
C ILE B 195 -4.73 -12.27 18.23
N LYS B 196 -4.13 -13.07 17.34
CA LYS B 196 -4.86 -14.18 16.73
C LYS B 196 -5.33 -15.17 17.79
N GLY B 197 -4.42 -15.64 18.64
CA GLY B 197 -4.79 -16.58 19.67
C GLY B 197 -5.84 -16.02 20.61
N ARG B 198 -5.67 -14.77 21.04
CA ARG B 198 -6.54 -14.22 22.07
C ARG B 198 -7.87 -13.68 21.53
N PHE B 199 -7.89 -13.11 20.32
CA PHE B 199 -9.08 -12.45 19.81
C PHE B 199 -9.67 -13.07 18.56
N GLY B 200 -8.96 -13.95 17.88
CA GLY B 200 -9.45 -14.56 16.67
C GLY B 200 -8.71 -14.07 15.43
N LEU B 201 -8.97 -14.77 14.33
CA LEU B 201 -8.24 -14.49 13.09
C LEU B 201 -8.65 -13.15 12.51
N ASP B 202 -9.95 -12.83 12.56
CA ASP B 202 -10.43 -11.61 11.95
C ASP B 202 -9.92 -10.37 12.66
N ALA B 203 -9.62 -10.47 13.97
CA ALA B 203 -9.00 -9.39 14.70
C ALA B 203 -7.61 -9.04 14.17
N THR B 204 -7.12 -9.82 13.23
CA THR B 204 -5.85 -9.60 12.54
C THR B 204 -6.01 -8.80 11.25
N ALA B 205 -7.23 -8.46 10.87
CA ALA B 205 -7.45 -7.46 9.82
C ALA B 205 -6.89 -6.12 10.28
N VAL B 206 -6.47 -5.31 9.31
CA VAL B 206 -5.72 -4.07 9.57
C VAL B 206 -6.58 -2.84 9.31
N GLY B 207 -6.24 -1.74 10.00
CA GLY B 207 -6.84 -0.45 9.73
C GLY B 207 -6.12 0.31 8.62
N ASP B 208 -6.47 1.58 8.48
CA ASP B 208 -5.92 2.39 7.40
C ASP B 208 -4.40 2.34 7.36
N GLU B 209 -3.74 2.31 8.51
CA GLU B 209 -2.29 2.43 8.57
C GLU B 209 -1.59 1.11 8.86
N GLY B 210 -2.27 -0.02 8.63
CA GLY B 210 -1.65 -1.32 8.74
C GLY B 210 -1.62 -1.95 10.13
N GLY B 211 -2.09 -1.25 11.16
CA GLY B 211 -2.11 -1.80 12.49
C GLY B 211 -3.44 -2.47 12.83
N PHE B 212 -3.54 -2.94 14.07
CA PHE B 212 -4.65 -3.75 14.53
C PHE B 212 -5.57 -2.97 15.45
N ALA B 213 -6.84 -3.37 15.46
CA ALA B 213 -7.84 -2.78 16.34
C ALA B 213 -8.65 -3.90 16.99
N PRO B 214 -7.99 -4.78 17.76
CA PRO B 214 -8.71 -5.89 18.40
C PRO B 214 -9.71 -5.33 19.40
N ASN B 215 -10.46 -6.20 20.08
CA ASN B 215 -11.47 -5.70 21.01
C ASN B 215 -10.90 -5.51 22.41
N ILE B 216 -9.86 -4.70 22.48
CA ILE B 216 -9.34 -4.30 23.78
C ILE B 216 -10.41 -3.52 24.53
N LEU B 217 -10.42 -3.69 25.86
CA LEU B 217 -11.44 -3.09 26.72
C LEU B 217 -11.02 -1.76 27.33
N ASN B 218 -9.75 -1.56 27.65
CA ASN B 218 -9.29 -0.28 28.18
C ASN B 218 -7.95 0.08 27.54
N ASN B 219 -7.55 1.35 27.69
CA ASN B 219 -6.29 1.78 27.10
C ASN B 219 -5.10 1.09 27.76
N LYS B 220 -5.16 0.90 29.07
CA LYS B 220 -4.09 0.19 29.79
C LYS B 220 -3.78 -1.15 29.13
N ASP B 221 -4.84 -1.90 28.77
CA ASP B 221 -4.64 -3.22 28.19
C ASP B 221 -3.91 -3.14 26.86
N ALA B 222 -4.29 -2.20 26.00
CA ALA B 222 -3.54 -1.98 24.78
C ALA B 222 -2.04 -1.89 25.06
N LEU B 223 -1.66 -1.01 26.00
CA LEU B 223 -0.25 -0.91 26.38
C LEU B 223 0.28 -2.21 26.93
N THR B 224 -0.54 -2.92 27.71
CA THR B 224 -0.13 -4.22 28.19
C THR B 224 0.11 -5.18 27.03
N LEU B 225 -0.78 -5.15 26.04
CA LEU B 225 -0.64 -6.06 24.90
C LEU B 225 0.66 -5.78 24.15
N ILE B 226 1.02 -4.49 24.01
CA ILE B 226 2.27 -4.15 23.35
C ILE B 226 3.47 -4.62 24.16
N GLN B 227 3.46 -4.35 25.47
CA GLN B 227 4.55 -4.83 26.31
C GLN B 227 4.78 -6.30 26.10
N GLU B 228 3.70 -7.09 26.16
CA GLU B 228 3.78 -8.52 25.92
C GLU B 228 4.44 -8.83 24.58
N SER B 229 4.02 -8.12 23.52
CA SER B 229 4.58 -8.35 22.19
C SER B 229 6.06 -7.99 22.12
N ILE B 230 6.45 -6.86 22.72
CA ILE B 230 7.87 -6.51 22.74
C ILE B 230 8.68 -7.60 23.43
N GLU B 231 8.09 -8.26 24.45
CA GLU B 231 8.81 -9.30 25.16
C GLU B 231 8.88 -10.58 24.34
N LYS B 232 7.74 -10.97 23.74
CA LYS B 232 7.76 -12.07 22.78
C LYS B 232 8.89 -11.92 21.77
N ALA B 233 9.03 -10.73 21.18
CA ALA B 233 10.09 -10.51 20.20
C ALA B 233 11.46 -10.41 20.84
N GLY B 234 11.53 -10.33 22.17
CA GLY B 234 12.80 -10.26 22.87
C GLY B 234 13.51 -8.93 22.68
N TYR B 235 12.78 -7.82 22.83
CA TYR B 235 13.33 -6.50 22.63
C TYR B 235 12.94 -5.52 23.73
N THR B 236 12.38 -6.02 24.84
CA THR B 236 12.12 -5.17 25.99
C THR B 236 13.39 -4.44 26.40
N GLY B 237 13.29 -3.12 26.50
CA GLY B 237 14.43 -2.28 26.75
C GLY B 237 14.97 -1.57 25.53
N LYS B 238 14.68 -2.07 24.32
CA LYS B 238 15.07 -1.36 23.10
C LYS B 238 13.90 -0.65 22.42
N ILE B 239 12.67 -0.93 22.86
CA ILE B 239 11.45 -0.42 22.25
C ILE B 239 10.73 0.45 23.25
N GLU B 240 10.34 1.64 22.82
CA GLU B 240 9.55 2.53 23.64
C GLU B 240 8.23 2.80 22.95
N ILE B 241 7.27 3.31 23.72
CA ILE B 241 5.91 3.53 23.23
C ILE B 241 5.65 5.02 23.01
N GLY B 242 4.85 5.29 21.99
CA GLY B 242 4.27 6.60 21.81
C GLY B 242 2.78 6.47 21.57
N MET B 243 2.08 7.58 21.74
CA MET B 243 0.62 7.56 21.72
C MET B 243 0.10 8.76 20.96
N ASP B 244 -0.95 8.55 20.18
CA ASP B 244 -1.68 9.68 19.63
C ASP B 244 -3.11 9.52 20.14
N VAL B 245 -3.45 10.33 21.15
CA VAL B 245 -4.75 10.27 21.80
C VAL B 245 -5.85 10.81 20.89
N ALA B 246 -5.55 11.88 20.14
CA ALA B 246 -6.53 12.55 19.30
C ALA B 246 -7.70 13.04 20.14
N ALA B 247 -7.37 13.73 21.23
CA ALA B 247 -8.35 14.05 22.27
C ALA B 247 -9.45 14.98 21.78
N SER B 248 -9.23 15.71 20.68
CA SER B 248 -10.30 16.58 20.19
C SER B 248 -11.56 15.80 19.86
N GLU B 249 -11.47 14.47 19.77
CA GLU B 249 -12.58 13.62 19.36
C GLU B 249 -13.51 13.27 20.51
N PHE B 250 -13.03 13.26 21.76
CA PHE B 250 -13.88 12.95 22.91
C PHE B 250 -13.89 14.08 23.93
N TYR B 251 -13.62 15.30 23.48
CA TYR B 251 -13.69 16.48 24.31
C TYR B 251 -15.13 16.99 24.35
N LYS B 252 -15.66 17.16 25.55
CA LYS B 252 -17.06 17.53 25.70
C LYS B 252 -17.29 19.04 25.61
N GLY B 253 -16.35 19.86 26.08
CA GLY B 253 -16.55 21.29 25.97
C GLY B 253 -15.99 22.19 27.05
N GLU B 254 -16.18 21.85 28.31
CA GLU B 254 -15.73 22.71 29.41
C GLU B 254 -14.84 21.90 30.34
N ASN B 255 -13.66 21.56 29.83
CA ASN B 255 -12.67 20.78 30.57
C ASN B 255 -13.12 19.35 30.83
N ILE B 256 -14.06 18.83 30.05
CA ILE B 256 -14.58 17.47 30.24
C ILE B 256 -14.27 16.63 28.99
N TYR B 257 -13.59 15.52 29.20
CA TYR B 257 -13.32 14.55 28.13
C TYR B 257 -14.05 13.25 28.46
N ASP B 258 -14.58 12.59 27.44
CA ASP B 258 -15.39 11.38 27.61
C ASP B 258 -14.64 10.20 27.01
N LEU B 259 -14.13 9.33 27.87
CA LEU B 259 -13.35 8.18 27.45
C LEU B 259 -14.20 7.08 26.84
N ASP B 260 -15.53 7.16 26.99
CA ASP B 260 -16.49 6.22 26.42
C ASP B 260 -17.36 6.92 25.40
N PHE B 261 -16.77 7.85 24.66
CA PHE B 261 -17.54 8.60 23.68
C PHE B 261 -18.07 7.70 22.58
N LYS B 262 -17.46 6.54 22.35
CA LYS B 262 -17.92 5.67 21.29
C LYS B 262 -19.12 4.83 21.69
N THR B 263 -19.47 4.80 22.98
CA THR B 263 -20.69 4.18 23.47
C THR B 263 -21.79 5.25 23.51
N ALA B 264 -22.79 5.10 22.67
CA ALA B 264 -23.85 6.07 22.59
C ALA B 264 -24.80 5.95 23.78
N ASN B 265 -25.34 7.08 24.22
CA ASN B 265 -26.25 7.12 25.37
C ASN B 265 -25.63 6.41 26.56
N ASN B 266 -24.41 6.80 26.90
CA ASN B 266 -23.69 6.13 27.96
C ASN B 266 -24.00 6.77 29.31
N ASP B 267 -23.52 6.14 30.38
CA ASP B 267 -23.52 6.80 31.67
C ASP B 267 -22.32 7.75 31.75
N GLY B 268 -22.41 8.72 32.63
CA GLY B 268 -21.30 9.65 32.62
C GLY B 268 -20.04 9.14 33.28
N SER B 269 -19.97 7.83 33.59
CA SER B 269 -18.90 7.29 34.41
C SER B 269 -17.53 7.62 33.85
N GLN B 270 -17.41 7.71 32.53
CA GLN B 270 -16.12 7.91 31.85
C GLN B 270 -15.85 9.35 31.50
N LYS B 271 -16.79 10.26 31.74
CA LYS B 271 -16.52 11.68 31.55
C LYS B 271 -15.63 12.18 32.68
N ILE B 272 -14.59 12.95 32.33
CA ILE B 272 -13.57 13.37 33.29
C ILE B 272 -13.01 14.73 32.89
N THR B 273 -12.36 15.37 33.86
CA THR B 273 -11.72 16.66 33.66
C THR B 273 -10.37 16.49 33.01
N GLY B 274 -9.93 17.53 32.30
CA GLY B 274 -8.57 17.54 31.78
C GLY B 274 -7.54 17.18 32.83
N ASP B 275 -7.78 17.59 34.09
CA ASP B 275 -6.79 17.31 35.13
C ASP B 275 -6.74 15.82 35.43
N GLN B 276 -7.90 15.14 35.45
CA GLN B 276 -7.91 13.69 35.62
C GLN B 276 -7.33 12.98 34.38
N LEU B 277 -7.58 13.53 33.20
CA LEU B 277 -6.92 13.01 32.01
C LEU B 277 -5.40 13.06 32.17
N ARG B 278 -4.87 14.23 32.54
CA ARG B 278 -3.42 14.37 32.72
C ARG B 278 -2.88 13.41 33.76
N ASP B 279 -3.64 13.17 34.84
CA ASP B 279 -3.22 12.19 35.84
C ASP B 279 -3.19 10.78 35.26
N MET B 280 -4.20 10.44 34.46
CA MET B 280 -4.16 9.16 33.76
C MET B 280 -2.89 9.04 32.92
N TYR B 281 -2.56 10.08 32.15
CA TYR B 281 -1.33 10.03 31.35
C TYR B 281 -0.12 9.77 32.24
N MET B 282 -0.08 10.40 33.43
CA MET B 282 1.06 10.23 34.32
C MET B 282 1.17 8.80 34.82
N GLU B 283 0.03 8.19 35.20
CA GLU B 283 0.08 6.79 35.64
C GLU B 283 0.56 5.88 34.51
N PHE B 284 0.06 6.10 33.29
CA PHE B 284 0.56 5.33 32.15
C PHE B 284 2.07 5.46 32.00
N CYS B 285 2.57 6.71 31.96
CA CYS B 285 4.01 6.91 31.78
C CYS B 285 4.79 6.30 32.93
N ASN B 286 4.20 6.25 34.12
CA ASN B 286 4.86 5.62 35.26
C ASN B 286 4.96 4.11 35.08
N GLU B 287 3.92 3.46 34.56
CA GLU B 287 3.90 2.02 34.40
C GLU B 287 4.56 1.54 33.10
N PHE B 288 4.25 2.17 31.96
CA PHE B 288 4.74 1.71 30.66
C PHE B 288 5.80 2.66 30.13
N PRO B 289 6.67 2.18 29.21
CA PRO B 289 7.79 2.98 28.70
C PRO B 289 7.39 4.01 27.64
N ILE B 290 6.35 4.78 27.93
CA ILE B 290 5.86 5.80 27.02
C ILE B 290 6.82 6.99 26.98
N VAL B 291 7.26 7.36 25.77
CA VAL B 291 8.16 8.49 25.63
C VAL B 291 7.53 9.66 24.89
N SER B 292 6.30 9.52 24.41
CA SER B 292 5.71 10.55 23.55
C SER B 292 4.20 10.39 23.50
N ILE B 293 3.47 11.48 23.74
CA ILE B 293 2.02 11.50 23.62
C ILE B 293 1.65 12.67 22.72
N GLU B 294 0.83 12.41 21.71
CA GLU B 294 0.41 13.40 20.73
C GLU B 294 -1.06 13.75 20.94
N ASP B 295 -1.41 15.01 20.65
CA ASP B 295 -2.74 15.58 20.88
C ASP B 295 -3.41 15.02 22.13
N PRO B 296 -2.76 15.17 23.31
CA PRO B 296 -3.37 14.65 24.54
C PRO B 296 -4.62 15.41 24.97
N PHE B 297 -4.83 16.63 24.48
CA PHE B 297 -6.00 17.44 24.80
C PHE B 297 -6.56 18.06 23.53
N ASP B 298 -7.69 18.75 23.69
CA ASP B 298 -8.38 19.30 22.54
C ASP B 298 -7.50 20.31 21.79
N GLN B 299 -7.80 20.46 20.50
CA GLN B 299 -7.03 21.31 19.59
C GLN B 299 -7.01 22.78 20.01
N ASP B 300 -7.88 23.19 20.95
CA ASP B 300 -7.91 24.57 21.42
C ASP B 300 -7.98 24.68 22.93
N ASP B 301 -7.83 23.57 23.65
CA ASP B 301 -7.84 23.57 25.11
C ASP B 301 -6.41 23.85 25.61
N TRP B 302 -5.98 25.10 25.37
CA TRP B 302 -4.58 25.48 25.60
C TRP B 302 -4.10 25.19 27.02
N GLU B 303 -4.95 25.45 28.02
CA GLU B 303 -4.47 25.42 29.39
C GLU B 303 -4.05 24.01 29.81
N ASN B 304 -4.75 22.98 29.34
CA ASN B 304 -4.35 21.62 29.72
C ASN B 304 -3.04 21.22 29.06
N TRP B 305 -2.84 21.64 27.80
CA TRP B 305 -1.56 21.44 27.13
C TRP B 305 -0.41 22.04 27.94
N THR B 306 -0.56 23.30 28.36
CA THR B 306 0.50 23.94 29.12
C THR B 306 0.73 23.23 30.45
N LYS B 307 -0.35 22.86 31.14
CA LYS B 307 -0.19 22.18 32.42
C LYS B 307 0.54 20.86 32.25
N MET B 308 0.22 20.09 31.20
CA MET B 308 0.87 18.80 31.05
C MET B 308 2.33 18.93 30.64
N THR B 309 2.63 19.85 29.73
CA THR B 309 4.02 20.03 29.33
C THR B 309 4.86 20.49 30.53
N SER B 310 4.30 21.37 31.38
CA SER B 310 4.98 21.76 32.61
C SER B 310 5.23 20.56 33.51
N ALA B 311 4.20 19.74 33.75
CA ALA B 311 4.28 18.66 34.72
C ALA B 311 5.20 17.51 34.30
N THR B 312 5.42 17.32 33.00
CA THR B 312 6.06 16.11 32.48
C THR B 312 7.43 16.41 31.91
N ASN B 313 8.19 15.34 31.71
CA ASN B 313 9.46 15.39 30.99
C ASN B 313 9.44 14.56 29.71
N ILE B 314 8.27 14.14 29.24
CA ILE B 314 8.23 13.35 28.00
C ILE B 314 7.98 14.26 26.82
N GLN B 315 7.96 13.69 25.62
CA GLN B 315 7.62 14.45 24.44
C GLN B 315 6.11 14.65 24.36
N ILE B 316 5.71 15.87 24.05
CA ILE B 316 4.30 16.28 23.96
C ILE B 316 4.11 16.84 22.56
N VAL B 317 3.39 16.12 21.70
CA VAL B 317 3.34 16.43 20.27
C VAL B 317 2.06 17.18 19.94
N GLY B 318 2.22 18.35 19.31
CA GLY B 318 1.10 19.05 18.71
C GLY B 318 0.80 18.49 17.32
N ASP B 319 -0.48 18.23 17.08
CA ASP B 319 -0.91 17.80 15.76
C ASP B 319 -2.04 18.71 15.30
N ASP B 320 -3.27 18.38 15.70
CA ASP B 320 -4.39 19.26 15.39
C ASP B 320 -4.26 20.60 16.11
N LEU B 321 -3.48 20.65 17.19
CA LEU B 321 -3.27 21.90 17.90
C LEU B 321 -2.49 22.90 17.06
N THR B 322 -1.52 22.41 16.28
CA THR B 322 -0.61 23.26 15.52
C THR B 322 -0.79 23.22 14.00
N VAL B 323 -1.37 22.14 13.46
CA VAL B 323 -1.71 21.98 12.04
C VAL B 323 -0.57 22.46 11.15
N THR B 324 0.66 22.15 11.54
CA THR B 324 1.84 22.48 10.74
C THR B 324 1.81 23.95 10.30
N ASN B 325 1.27 24.80 11.16
CA ASN B 325 1.02 26.19 10.80
C ASN B 325 1.84 27.14 11.66
N PRO B 326 2.77 27.91 11.05
CA PRO B 326 3.66 28.76 11.88
C PRO B 326 2.90 29.66 12.83
N LYS B 327 1.73 30.17 12.43
CA LYS B 327 0.95 31.01 13.33
C LYS B 327 0.47 30.24 14.55
N ARG B 328 -0.13 29.06 14.34
CA ARG B 328 -0.54 28.23 15.47
C ARG B 328 0.65 27.81 16.31
N ILE B 329 1.76 27.47 15.65
CA ILE B 329 2.97 27.10 16.38
C ILE B 329 3.44 28.26 17.26
N ALA B 330 3.44 29.48 16.70
CA ALA B 330 3.87 30.64 17.48
C ALA B 330 3.06 30.77 18.76
N THR B 331 1.73 30.61 18.67
CA THR B 331 0.89 30.62 19.87
C THR B 331 1.34 29.54 20.85
N ALA B 332 1.52 28.32 20.36
CA ALA B 332 1.91 27.22 21.24
C ALA B 332 3.22 27.51 21.95
N VAL B 333 4.22 27.98 21.22
CA VAL B 333 5.50 28.34 21.83
C VAL B 333 5.29 29.35 22.95
N GLU B 334 4.45 30.36 22.70
CA GLU B 334 4.22 31.37 23.72
C GLU B 334 3.57 30.79 24.97
N LYS B 335 2.72 29.76 24.81
CA LYS B 335 2.05 29.14 25.94
C LYS B 335 2.77 27.90 26.42
N LYS B 336 3.93 27.59 25.86
CA LYS B 336 4.64 26.34 26.10
C LYS B 336 3.67 25.16 26.20
N ALA B 337 2.85 25.04 25.15
CA ALA B 337 1.81 24.03 25.11
C ALA B 337 2.36 22.64 24.83
N CYS B 338 3.40 22.53 24.03
CA CYS B 338 3.97 21.24 23.68
C CYS B 338 5.44 21.43 23.39
N ASN B 339 6.12 20.32 23.11
CA ASN B 339 7.54 20.40 22.82
C ASN B 339 7.92 19.60 21.59
N CYS B 340 6.96 19.35 20.70
CA CYS B 340 7.24 18.61 19.48
C CYS B 340 6.17 18.95 18.46
N LEU B 341 6.57 19.10 17.21
CA LEU B 341 5.65 19.40 16.13
C LEU B 341 5.41 18.14 15.31
N LEU B 342 4.14 17.80 15.10
CA LEU B 342 3.80 16.84 14.05
C LEU B 342 3.74 17.59 12.74
N LEU B 343 4.62 17.23 11.82
CA LEU B 343 4.77 17.90 10.54
C LEU B 343 3.99 17.11 9.49
N LYS B 344 2.93 17.72 8.96
CA LYS B 344 2.12 17.16 7.88
C LYS B 344 2.08 18.19 6.75
N VAL B 345 2.84 17.94 5.67
CA VAL B 345 2.99 18.94 4.63
C VAL B 345 1.64 19.42 4.12
N ASN B 346 0.64 18.53 4.00
CA ASN B 346 -0.63 18.95 3.41
C ASN B 346 -1.52 19.70 4.41
N GLN B 347 -1.13 19.74 5.69
CA GLN B 347 -1.82 20.59 6.64
C GLN B 347 -1.60 22.07 6.35
N ILE B 348 -0.46 22.41 5.75
CA ILE B 348 -0.13 23.80 5.45
C ILE B 348 -0.13 24.07 3.95
N GLY B 349 0.39 23.14 3.14
CA GLY B 349 0.18 23.20 1.71
C GLY B 349 1.38 23.56 0.83
N SER B 350 2.58 23.74 1.38
CA SER B 350 3.76 24.01 0.57
C SER B 350 4.99 23.45 1.26
N VAL B 351 6.04 23.20 0.47
CA VAL B 351 7.28 22.70 1.03
C VAL B 351 7.95 23.78 1.88
N THR B 352 7.93 25.03 1.40
CA THR B 352 8.55 26.14 2.12
C THR B 352 7.88 26.35 3.48
N GLU B 353 6.55 26.50 3.50
CA GLU B 353 5.86 26.66 4.76
C GLU B 353 6.10 25.46 5.68
N SER B 354 6.12 24.25 5.12
CA SER B 354 6.43 23.08 5.91
C SER B 354 7.81 23.19 6.55
N ILE B 355 8.82 23.51 5.75
CA ILE B 355 10.17 23.71 6.28
C ILE B 355 10.18 24.88 7.28
N ASP B 356 9.49 25.97 6.97
CA ASP B 356 9.39 27.08 7.91
C ASP B 356 8.85 26.62 9.25
N ALA B 357 7.81 25.79 9.25
CA ALA B 357 7.22 25.35 10.49
C ALA B 357 8.22 24.56 11.33
N HIS B 358 8.93 23.61 10.69
CA HIS B 358 9.96 22.87 11.42
C HIS B 358 11.03 23.81 11.97
N LEU B 359 11.43 24.82 11.19
CA LEU B 359 12.50 25.70 11.64
C LEU B 359 12.07 26.53 12.84
N LEU B 360 10.84 27.04 12.82
CA LEU B 360 10.30 27.74 13.98
C LEU B 360 10.26 26.83 15.20
N ALA B 361 9.80 25.59 15.03
CA ALA B 361 9.79 24.64 16.14
C ALA B 361 11.20 24.40 16.65
N LYS B 362 12.12 24.04 15.75
CA LYS B 362 13.49 23.79 16.16
C LYS B 362 14.09 24.99 16.90
N LYS B 363 13.85 26.21 16.39
CA LYS B 363 14.35 27.42 17.03
C LYS B 363 13.89 27.55 18.49
N ASN B 364 12.78 26.92 18.85
CA ASN B 364 12.17 27.08 20.16
C ASN B 364 12.31 25.85 21.02
N GLY B 365 13.17 24.91 20.63
CA GLY B 365 13.50 23.77 21.45
C GLY B 365 12.67 22.53 21.21
N TRP B 366 11.71 22.56 20.29
CA TRP B 366 10.84 21.43 20.05
C TRP B 366 11.55 20.37 19.22
N GLY B 367 11.05 19.14 19.33
CA GLY B 367 11.28 18.15 18.31
C GLY B 367 10.38 18.37 17.10
N THR B 368 10.61 17.54 16.08
CA THR B 368 9.70 17.47 14.93
C THR B 368 9.55 16.01 14.54
N MET B 369 8.31 15.56 14.48
CA MET B 369 7.96 14.22 13.99
C MET B 369 7.26 14.38 12.66
N VAL B 370 7.92 13.96 11.58
CA VAL B 370 7.28 13.97 10.27
C VAL B 370 6.20 12.90 10.25
N SER B 371 5.10 13.18 9.56
CA SER B 371 3.95 12.30 9.64
C SER B 371 3.33 12.04 8.28
N HIS B 372 2.82 10.82 8.10
CA HIS B 372 1.94 10.51 6.98
C HIS B 372 0.53 11.07 7.27
N ARG B 373 -0.36 10.91 6.30
CA ARG B 373 -1.80 10.95 6.57
C ARG B 373 -2.36 9.54 6.52
N SER B 374 -3.56 9.37 7.04
CA SER B 374 -4.18 8.04 6.96
C SER B 374 -4.43 7.65 5.50
N GLY B 375 -4.75 8.64 4.66
CA GLY B 375 -4.86 8.44 3.22
C GLY B 375 -3.54 8.74 2.56
N GLU B 376 -2.75 7.71 2.30
CA GLU B 376 -1.42 7.87 1.73
C GLU B 376 -1.42 7.33 0.31
N THR B 377 -0.28 7.48 -0.36
CA THR B 377 -0.11 6.93 -1.70
C THR B 377 1.24 6.25 -1.75
N GLU B 378 1.58 5.74 -2.95
CA GLU B 378 2.90 5.17 -3.18
C GLU B 378 4.01 6.23 -3.17
N ASP B 379 3.66 7.52 -3.11
CA ASP B 379 4.65 8.59 -2.98
C ASP B 379 5.46 8.42 -1.70
N CYS B 380 6.76 8.75 -1.77
CA CYS B 380 7.64 8.53 -0.62
C CYS B 380 8.44 9.79 -0.26
N PHE B 381 7.89 10.97 -0.62
CA PHE B 381 8.53 12.25 -0.32
C PHE B 381 8.93 12.38 1.14
N ILE B 382 7.98 12.14 2.07
CA ILE B 382 8.26 12.44 3.47
C ILE B 382 9.43 11.62 4.02
N ALA B 383 9.78 10.50 3.38
CA ALA B 383 10.99 9.77 3.77
C ALA B 383 12.23 10.63 3.59
N ASP B 384 12.35 11.29 2.43
CA ASP B 384 13.48 12.21 2.24
C ASP B 384 13.34 13.43 3.14
N LEU B 385 12.11 13.86 3.43
CA LEU B 385 11.91 15.07 4.24
C LEU B 385 12.42 14.87 5.65
N VAL B 386 12.05 13.76 6.29
CA VAL B 386 12.48 13.54 7.66
C VAL B 386 14.00 13.44 7.72
N VAL B 387 14.61 12.82 6.71
CA VAL B 387 16.06 12.68 6.71
C VAL B 387 16.74 14.03 6.51
N GLY B 388 16.24 14.83 5.57
CA GLY B 388 16.85 16.10 5.27
C GLY B 388 16.65 17.12 6.37
N LEU B 389 15.53 17.02 7.09
CA LEU B 389 15.26 17.96 8.17
C LEU B 389 15.82 17.48 9.49
N CYS B 390 16.43 16.31 9.52
CA CYS B 390 17.22 15.91 10.68
C CYS B 390 16.37 15.71 11.93
N THR B 391 15.10 15.31 11.77
CA THR B 391 14.20 15.35 12.93
C THR B 391 14.40 14.17 13.84
N GLY B 392 14.92 13.05 13.33
CA GLY B 392 15.14 11.87 14.13
C GLY B 392 13.92 11.00 14.40
N GLN B 393 12.74 11.38 13.91
CA GLN B 393 11.52 10.61 14.18
C GLN B 393 10.52 10.81 13.05
N ILE B 394 9.92 9.71 12.61
CA ILE B 394 8.87 9.74 11.61
C ILE B 394 7.81 8.73 12.00
N LYS B 395 6.55 9.11 11.90
CA LYS B 395 5.44 8.16 12.01
C LYS B 395 4.79 8.07 10.64
N THR B 396 4.97 6.93 9.99
CA THR B 396 4.43 6.71 8.65
C THR B 396 3.82 5.31 8.51
N GLY B 397 3.40 4.71 9.61
CA GLY B 397 2.52 3.57 9.59
C GLY B 397 3.10 2.36 10.32
N ALA B 398 2.27 1.33 10.41
CA ALA B 398 2.78 0.04 10.77
C ALA B 398 3.64 -0.48 9.62
N PRO B 399 4.51 -1.46 9.89
CA PRO B 399 5.27 -2.07 8.78
C PRO B 399 4.38 -2.97 7.96
N CYS B 400 3.24 -2.43 7.51
CA CYS B 400 2.27 -3.19 6.77
C CYS B 400 1.48 -2.23 5.90
N ARG B 401 1.22 -2.63 4.64
CA ARG B 401 0.54 -1.79 3.66
C ARG B 401 1.55 -0.93 2.92
N SER B 402 1.67 -1.11 1.61
CA SER B 402 2.81 -0.53 0.94
C SER B 402 2.80 1.00 0.87
N GLU B 403 1.68 1.67 1.15
CA GLU B 403 1.76 3.12 1.27
C GLU B 403 2.59 3.53 2.49
N ARG B 404 2.75 2.61 3.45
CA ARG B 404 3.63 2.81 4.59
C ARG B 404 5.05 2.29 4.30
N LEU B 405 5.16 1.04 3.84
CA LEU B 405 6.47 0.48 3.53
C LEU B 405 7.21 1.31 2.49
N ALA B 406 6.48 1.96 1.57
CA ALA B 406 7.15 2.78 0.58
C ALA B 406 8.07 3.80 1.25
N LYS B 407 7.58 4.43 2.33
CA LYS B 407 8.39 5.40 3.04
C LYS B 407 9.53 4.73 3.81
N TYR B 408 9.23 3.62 4.49
CA TYR B 408 10.26 2.91 5.22
C TYR B 408 11.31 2.36 4.27
N ASN B 409 10.88 1.86 3.12
CA ASN B 409 11.82 1.35 2.12
C ASN B 409 12.70 2.45 1.57
N GLN B 410 12.14 3.65 1.38
CA GLN B 410 12.98 4.77 0.90
C GLN B 410 14.04 5.15 1.91
N ILE B 411 13.74 5.07 3.21
CA ILE B 411 14.75 5.36 4.22
C ILE B 411 15.83 4.29 4.23
N LEU B 412 15.46 3.02 4.00
CA LEU B 412 16.47 1.97 3.87
C LEU B 412 17.40 2.26 2.70
N ARG B 413 16.84 2.76 1.59
CA ARG B 413 17.64 3.08 0.42
C ARG B 413 18.57 4.27 0.70
N ILE B 414 18.05 5.29 1.40
CA ILE B 414 18.88 6.40 1.82
C ILE B 414 19.97 5.94 2.79
N GLU B 415 19.60 5.10 3.75
CA GLU B 415 20.60 4.54 4.67
C GLU B 415 21.74 3.87 3.93
N GLU B 416 21.43 3.09 2.89
CA GLU B 416 22.48 2.46 2.09
C GLU B 416 23.30 3.50 1.32
N GLU B 417 22.64 4.52 0.78
CA GLU B 417 23.36 5.57 0.07
C GLU B 417 24.28 6.37 1.00
N LEU B 418 23.82 6.68 2.21
CA LEU B 418 24.68 7.38 3.16
C LEU B 418 25.89 6.55 3.59
N GLY B 419 25.77 5.22 3.54
CA GLY B 419 26.89 4.34 3.90
C GLY B 419 27.38 4.55 5.32
N SER B 420 28.71 4.69 5.45
CA SER B 420 29.39 4.87 6.73
C SER B 420 29.07 6.22 7.38
N ASN B 421 28.65 7.21 6.61
CA ASN B 421 28.14 8.46 7.17
C ASN B 421 26.74 8.32 7.76
N ALA B 422 26.16 7.12 7.75
CA ALA B 422 24.78 6.95 8.18
C ALA B 422 24.73 6.94 9.71
N LYS B 423 24.03 7.92 10.28
CA LYS B 423 23.79 7.99 11.72
C LYS B 423 22.32 7.77 12.02
N PHE B 424 22.04 6.93 13.01
CA PHE B 424 20.68 6.65 13.46
C PHE B 424 20.39 7.47 14.71
N ALA B 425 19.27 8.19 14.69
CA ALA B 425 18.93 9.05 15.83
C ALA B 425 18.91 8.26 17.13
N GLY B 426 18.30 7.08 17.13
CA GLY B 426 18.30 6.25 18.33
C GLY B 426 17.69 6.95 19.52
N LYS B 427 18.35 6.84 20.66
CA LYS B 427 17.82 7.41 21.91
C LYS B 427 17.76 8.92 21.88
N LYS B 428 18.40 9.57 20.91
CA LYS B 428 18.36 11.02 20.76
C LYS B 428 17.33 11.46 19.73
N PHE B 429 16.19 10.77 19.68
CA PHE B 429 15.23 11.05 18.62
C PHE B 429 14.55 12.40 18.82
N ARG B 430 14.43 12.86 20.07
CA ARG B 430 13.75 14.14 20.32
C ARG B 430 14.60 15.31 19.85
N LYS B 431 15.89 15.30 20.14
CA LYS B 431 16.82 16.37 19.78
C LYS B 431 18.08 15.73 19.22
N PRO B 432 18.04 15.29 17.97
CA PRO B 432 19.20 14.59 17.40
C PRO B 432 20.18 15.52 16.71
N CYS B 433 19.68 16.65 16.19
CA CYS B 433 20.51 17.56 15.41
C CYS B 433 20.45 18.98 15.97
#